data_2FSE
#
_entry.id   2FSE
#
_cell.length_a   60.810
_cell.length_b   109.000
_cell.length_c   170.550
_cell.angle_alpha   90.00
_cell.angle_beta   90.00
_cell.angle_gamma   90.00
#
_symmetry.space_group_name_H-M   'P 21 21 21'
#
loop_
_entity.id
_entity.type
_entity.pdbx_description
1 polymer 'H-2 class II histocompatibility antigen, E-K alpha chain'
2 polymer 'HLA class II histocompatibility antigen, DRB1-1 beta chain'
3 polymer 'Collagen alpha-1(II)'
4 water water
#
loop_
_entity_poly.entity_id
_entity_poly.type
_entity_poly.pdbx_seq_one_letter_code
_entity_poly.pdbx_strand_id
1 'polypeptide(L)'
;EHVIIQAEFYLNPDQSGEFMFDFDGDEIFHVDMAKKETVWRLEEFGRFASFEAQGALANIAVDKANLEIMTKRSNYTPIT
NVAPEVTVLSRSPVNLGEPNILICFIDKFSPPVVNVTWLRNGRPVTEGVSETVFLPRDDHLFRKFHYLTFLPSTDDFYDC
EVDHWGLEEPLRKHWEFE
;
A,C
2 'polypeptide(L)'
;RPRFLWQLKFECHFFNGTERVRLLERCIYNQEESVRFDSDVGEYRAVTELGRPDAEYWNSQKDLLEQRRAAVDTYCRHNY
GVGESFTVQRRVEPTVTVYPTKTQPLQHHNLLVCSVSDFYPGNIEVRWFRNGKEEETGIVSTGLVRNGDWTFQTLVMLET
VPQSGEVYTCQVEHPSLTDPVTVEWKA
;
B,D
3 'polypeptide(L)' AGFKGEQGPKGEPG E,F
#
# COMPACT_ATOMS: atom_id res chain seq x y z
N GLU A 1 -2.46 -8.21 -20.70
CA GLU A 1 -0.98 -8.09 -20.57
C GLU A 1 -0.40 -9.37 -20.00
N HIS A 2 -0.96 -10.50 -20.41
CA HIS A 2 -0.55 -11.81 -19.92
C HIS A 2 0.70 -12.40 -20.56
N VAL A 3 1.32 -13.35 -19.85
CA VAL A 3 2.54 -14.00 -20.31
C VAL A 3 2.52 -15.50 -20.04
N ILE A 4 3.05 -16.28 -20.98
CA ILE A 4 3.12 -17.72 -20.81
C ILE A 4 4.61 -18.01 -20.89
N ILE A 5 5.10 -18.86 -20.01
CA ILE A 5 6.53 -19.14 -20.03
C ILE A 5 6.84 -20.60 -19.85
N GLN A 6 7.54 -21.14 -20.84
CA GLN A 6 7.96 -22.53 -20.80
C GLN A 6 9.33 -22.46 -20.17
N ALA A 7 9.37 -22.56 -18.84
CA ALA A 7 10.61 -22.48 -18.11
C ALA A 7 11.14 -23.85 -17.81
N GLU A 8 12.39 -24.08 -18.19
CA GLU A 8 13.01 -25.37 -17.95
C GLU A 8 14.44 -25.16 -17.47
N PHE A 9 14.87 -26.00 -16.53
CA PHE A 9 16.22 -25.93 -15.97
C PHE A 9 16.81 -27.31 -15.69
N TYR A 10 18.13 -27.40 -15.79
CA TYR A 10 18.84 -28.64 -15.51
C TYR A 10 20.07 -28.28 -14.73
N LEU A 11 20.41 -29.10 -13.74
CA LEU A 11 21.57 -28.79 -12.94
C LEU A 11 22.36 -30.00 -12.52
N ASN A 12 23.68 -29.85 -12.57
CA ASN A 12 24.58 -30.90 -12.16
C ASN A 12 25.22 -30.38 -10.87
N PRO A 13 25.72 -31.29 -10.04
CA PRO A 13 25.74 -32.75 -10.22
C PRO A 13 24.39 -33.40 -9.98
N ASP A 14 23.60 -32.76 -9.13
CA ASP A 14 22.29 -33.24 -8.76
C ASP A 14 21.54 -33.96 -9.88
N GLN A 15 21.70 -33.49 -11.12
CA GLN A 15 21.00 -34.12 -12.22
C GLN A 15 19.49 -34.00 -12.02
N SER A 16 19.07 -32.86 -11.49
CA SER A 16 17.65 -32.56 -11.26
C SER A 16 17.22 -31.82 -12.50
N GLY A 17 16.25 -32.36 -13.20
CA GLY A 17 15.76 -31.72 -14.41
C GLY A 17 14.31 -31.31 -14.23
N GLU A 18 13.98 -30.16 -14.79
CA GLU A 18 12.62 -29.67 -14.66
C GLU A 18 12.13 -28.96 -15.93
N PHE A 19 10.86 -29.19 -16.25
CA PHE A 19 10.20 -28.61 -17.41
C PHE A 19 8.82 -28.16 -16.95
N MET A 20 8.51 -26.87 -17.08
CA MET A 20 7.19 -26.39 -16.68
C MET A 20 6.67 -25.18 -17.43
N PHE A 21 5.34 -25.00 -17.35
CA PHE A 21 4.62 -23.90 -17.98
C PHE A 21 4.13 -22.92 -16.93
N ASP A 22 4.36 -21.64 -17.19
CA ASP A 22 3.97 -20.61 -16.25
C ASP A 22 3.07 -19.57 -16.92
N PHE A 23 2.06 -19.11 -16.20
CA PHE A 23 1.15 -18.12 -16.76
C PHE A 23 0.94 -16.93 -15.84
N ASP A 24 1.41 -15.76 -16.26
CA ASP A 24 1.25 -14.56 -15.47
C ASP A 24 1.79 -14.75 -14.06
N GLY A 25 2.69 -15.70 -13.88
CA GLY A 25 3.26 -15.93 -12.55
C GLY A 25 3.05 -17.30 -11.90
N ASP A 26 1.92 -17.94 -12.16
CA ASP A 26 1.62 -19.24 -11.59
C ASP A 26 1.86 -20.38 -12.56
N GLU A 27 2.15 -21.58 -12.03
CA GLU A 27 2.42 -22.72 -12.89
C GLU A 27 1.18 -23.45 -13.35
N ILE A 28 1.16 -23.75 -14.64
CA ILE A 28 0.06 -24.47 -15.24
C ILE A 28 0.33 -25.95 -14.99
N PHE A 29 1.57 -26.35 -15.24
CA PHE A 29 1.95 -27.74 -15.05
C PHE A 29 3.44 -27.94 -15.20
N HIS A 30 3.90 -29.14 -14.83
CA HIS A 30 5.29 -29.49 -15.00
C HIS A 30 5.25 -30.96 -15.40
N VAL A 31 6.34 -31.44 -15.97
CA VAL A 31 6.40 -32.81 -16.40
C VAL A 31 7.15 -33.66 -15.39
N ASP A 32 6.46 -34.64 -14.81
CA ASP A 32 7.08 -35.53 -13.85
C ASP A 32 8.01 -36.43 -14.64
N MET A 33 9.31 -36.27 -14.39
CA MET A 33 10.32 -37.05 -15.09
C MET A 33 10.14 -38.54 -14.84
N ALA A 34 10.34 -38.96 -13.59
CA ALA A 34 10.20 -40.36 -13.18
C ALA A 34 8.98 -41.00 -13.80
N LYS A 35 7.81 -40.48 -13.46
CA LYS A 35 6.53 -40.97 -13.95
C LYS A 35 6.42 -40.72 -15.46
N LYS A 36 7.35 -39.94 -15.99
CA LYS A 36 7.34 -39.66 -17.42
C LYS A 36 6.00 -39.07 -17.84
N GLU A 37 5.28 -38.44 -16.90
CA GLU A 37 3.97 -37.85 -17.19
C GLU A 37 3.86 -36.34 -16.88
N THR A 38 2.64 -35.83 -17.04
CA THR A 38 2.30 -34.41 -16.82
C THR A 38 1.56 -34.20 -15.49
N VAL A 39 1.93 -33.16 -14.75
CA VAL A 39 1.26 -32.88 -13.47
C VAL A 39 0.63 -31.50 -13.45
N TRP A 40 -0.70 -31.47 -13.37
CA TRP A 40 -1.44 -30.21 -13.35
C TRP A 40 -1.50 -29.57 -11.96
N ARG A 41 -1.26 -28.26 -11.90
CA ARG A 41 -1.30 -27.55 -10.63
C ARG A 41 -2.67 -27.65 -10.01
N LEU A 42 -3.69 -27.68 -10.87
CA LEU A 42 -5.09 -27.78 -10.46
C LEU A 42 -5.74 -28.89 -11.29
N GLU A 43 -6.25 -29.93 -10.62
CA GLU A 43 -6.88 -31.03 -11.34
C GLU A 43 -7.82 -30.53 -12.44
N GLU A 44 -8.50 -29.42 -12.23
CA GLU A 44 -9.42 -28.90 -13.25
C GLU A 44 -8.72 -28.69 -14.59
N PHE A 45 -7.50 -28.16 -14.55
CA PHE A 45 -6.73 -27.91 -15.77
C PHE A 45 -6.72 -29.11 -16.71
N GLY A 46 -6.53 -30.28 -16.12
CA GLY A 46 -6.49 -31.52 -16.88
C GLY A 46 -7.72 -31.77 -17.73
N ARG A 47 -8.91 -31.64 -17.13
CA ARG A 47 -10.15 -31.85 -17.87
C ARG A 47 -10.15 -30.83 -19.02
N PHE A 48 -9.41 -29.74 -18.82
CA PHE A 48 -9.33 -28.66 -19.81
C PHE A 48 -8.21 -28.78 -20.81
N ALA A 49 -7.08 -29.35 -20.40
CA ALA A 49 -5.94 -29.47 -21.30
C ALA A 49 -5.23 -30.83 -21.38
N SER A 50 -4.13 -30.82 -22.12
CA SER A 50 -3.32 -32.00 -22.37
C SER A 50 -1.90 -31.60 -22.81
N PHE A 51 -0.93 -32.46 -22.53
CA PHE A 51 0.44 -32.20 -22.95
C PHE A 51 1.22 -33.49 -23.13
N GLU A 52 1.83 -33.62 -24.31
CA GLU A 52 2.64 -34.80 -24.62
C GLU A 52 3.97 -34.67 -23.87
N ALA A 53 4.04 -35.33 -22.72
CA ALA A 53 5.21 -35.33 -21.85
C ALA A 53 6.51 -35.83 -22.46
N GLN A 54 6.46 -36.88 -23.26
CA GLN A 54 7.70 -37.41 -23.83
C GLN A 54 8.59 -36.34 -24.45
N GLY A 55 7.96 -35.34 -25.07
CA GLY A 55 8.71 -34.27 -25.71
C GLY A 55 9.47 -33.37 -24.75
N ALA A 56 9.02 -33.29 -23.51
CA ALA A 56 9.67 -32.45 -22.51
C ALA A 56 11.03 -33.07 -22.22
N LEU A 57 11.01 -34.38 -22.00
CA LEU A 57 12.20 -35.15 -21.69
C LEU A 57 13.32 -34.87 -22.67
N ALA A 58 12.96 -34.62 -23.93
CA ALA A 58 13.96 -34.35 -24.94
C ALA A 58 14.73 -33.10 -24.59
N ASN A 59 14.02 -31.98 -24.49
CA ASN A 59 14.60 -30.69 -24.19
C ASN A 59 15.57 -30.74 -23.01
N ILE A 60 15.14 -31.36 -21.92
CA ILE A 60 15.98 -31.48 -20.74
C ILE A 60 17.30 -32.15 -21.11
N ALA A 61 17.22 -33.15 -21.98
CA ALA A 61 18.39 -33.88 -22.43
C ALA A 61 19.36 -32.92 -23.13
N VAL A 62 18.86 -32.18 -24.11
CA VAL A 62 19.67 -31.22 -24.83
C VAL A 62 20.20 -30.25 -23.80
N ASP A 63 19.34 -29.90 -22.85
CA ASP A 63 19.69 -28.97 -21.79
C ASP A 63 20.89 -29.51 -21.01
N LYS A 64 20.78 -30.76 -20.55
CA LYS A 64 21.85 -31.42 -19.80
C LYS A 64 23.18 -31.31 -20.51
N ALA A 65 23.15 -31.46 -21.84
CA ALA A 65 24.34 -31.37 -22.64
C ALA A 65 24.73 -29.92 -22.79
N ASN A 66 23.76 -29.10 -23.16
CA ASN A 66 24.03 -27.68 -23.34
C ASN A 66 24.71 -27.15 -22.11
N LEU A 67 24.39 -27.74 -20.97
CA LEU A 67 24.98 -27.31 -19.71
C LEU A 67 26.43 -27.76 -19.74
N GLU A 68 26.62 -29.06 -19.83
CA GLU A 68 27.96 -29.60 -19.88
C GLU A 68 28.81 -28.80 -20.84
N ILE A 69 28.23 -28.36 -21.94
CA ILE A 69 29.04 -27.59 -22.85
C ILE A 69 29.44 -26.26 -22.23
N MET A 70 28.48 -25.53 -21.67
CA MET A 70 28.78 -24.25 -21.06
C MET A 70 29.63 -24.38 -19.81
N THR A 71 29.33 -25.41 -19.03
CA THR A 71 30.06 -25.69 -17.80
C THR A 71 31.56 -25.73 -18.08
N LYS A 72 31.89 -25.95 -19.34
CA LYS A 72 33.29 -26.06 -19.76
C LYS A 72 33.93 -24.74 -20.21
N ARG A 73 33.42 -24.08 -21.25
CA ARG A 73 34.07 -22.84 -21.66
C ARG A 73 33.82 -21.64 -20.76
N SER A 74 33.49 -21.93 -19.51
CA SER A 74 33.22 -20.92 -18.50
C SER A 74 34.38 -20.99 -17.53
N ASN A 75 35.22 -22.00 -17.75
CA ASN A 75 36.37 -22.30 -16.91
C ASN A 75 35.77 -22.79 -15.59
N TYR A 76 34.77 -23.66 -15.73
CA TYR A 76 34.06 -24.26 -14.62
C TYR A 76 33.59 -23.29 -13.55
N THR A 77 33.23 -22.09 -13.98
CA THR A 77 32.74 -21.09 -13.06
C THR A 77 31.50 -21.71 -12.42
N PRO A 78 31.58 -21.98 -11.11
CA PRO A 78 30.41 -22.58 -10.45
C PRO A 78 29.32 -21.57 -10.11
N ILE A 79 28.14 -22.10 -9.81
CA ILE A 79 26.98 -21.29 -9.44
C ILE A 79 27.22 -20.63 -8.07
N THR A 80 26.86 -19.36 -7.95
CA THR A 80 27.01 -18.63 -6.71
C THR A 80 25.69 -18.69 -5.94
N ASN A 81 25.66 -19.45 -4.84
CA ASN A 81 24.43 -19.60 -4.06
C ASN A 81 23.76 -18.28 -3.70
N VAL A 82 22.43 -18.30 -3.67
CA VAL A 82 21.69 -17.11 -3.31
C VAL A 82 20.74 -17.51 -2.22
N ALA A 83 20.87 -16.88 -1.06
CA ALA A 83 20.05 -17.17 0.10
C ALA A 83 18.57 -16.98 -0.14
N PRO A 84 17.74 -17.89 0.39
CA PRO A 84 16.29 -17.82 0.22
C PRO A 84 15.59 -17.01 1.32
N GLU A 85 14.69 -16.11 0.91
CA GLU A 85 13.93 -15.32 1.87
C GLU A 85 12.77 -16.23 2.28
N VAL A 86 12.51 -16.42 3.56
CA VAL A 86 11.41 -17.29 3.94
C VAL A 86 10.35 -16.61 4.79
N THR A 87 9.10 -16.99 4.54
CA THR A 87 7.98 -16.40 5.26
C THR A 87 6.78 -17.31 5.37
N VAL A 88 5.88 -16.99 6.29
CA VAL A 88 4.70 -17.80 6.55
C VAL A 88 3.37 -17.04 6.64
N LEU A 89 2.35 -17.59 5.98
CA LEU A 89 1.00 -17.00 5.99
C LEU A 89 -0.11 -18.05 5.88
N SER A 90 -1.31 -17.67 6.25
CA SER A 90 -2.42 -18.60 6.17
C SER A 90 -3.14 -18.31 4.86
N ARG A 91 -3.69 -19.35 4.25
CA ARG A 91 -4.38 -19.15 2.99
C ARG A 91 -5.57 -18.23 3.15
N SER A 92 -6.25 -18.36 4.29
CA SER A 92 -7.45 -17.59 4.61
C SER A 92 -7.37 -17.17 6.08
N PRO A 93 -8.20 -16.20 6.51
CA PRO A 93 -8.20 -15.73 7.91
C PRO A 93 -8.50 -16.88 8.88
N VAL A 94 -7.80 -16.93 10.02
CA VAL A 94 -7.96 -18.01 11.00
C VAL A 94 -8.96 -17.91 12.15
N ASN A 95 -9.75 -18.96 12.32
CA ASN A 95 -10.73 -19.06 13.39
C ASN A 95 -10.59 -20.44 14.04
N LEU A 96 -10.57 -20.48 15.37
CA LEU A 96 -10.42 -21.73 16.11
C LEU A 96 -11.44 -22.76 15.67
N GLY A 97 -10.98 -24.00 15.45
CA GLY A 97 -11.87 -25.05 15.04
C GLY A 97 -12.25 -25.01 13.57
N GLU A 98 -11.81 -23.97 12.87
CA GLU A 98 -12.08 -23.78 11.44
C GLU A 98 -10.85 -24.20 10.63
N PRO A 99 -10.85 -25.43 10.05
CA PRO A 99 -9.68 -25.86 9.28
C PRO A 99 -9.16 -24.79 8.34
N ASN A 100 -7.84 -24.63 8.31
CA ASN A 100 -7.23 -23.63 7.44
C ASN A 100 -5.93 -24.19 6.89
N ILE A 101 -5.17 -23.36 6.19
CA ILE A 101 -3.91 -23.81 5.63
C ILE A 101 -2.78 -22.81 5.80
N LEU A 102 -1.64 -23.32 6.26
CA LEU A 102 -0.46 -22.50 6.46
C LEU A 102 0.40 -22.59 5.22
N ILE A 103 0.86 -21.44 4.73
CA ILE A 103 1.71 -21.37 3.55
C ILE A 103 3.10 -20.96 3.99
N CYS A 104 4.12 -21.50 3.34
CA CYS A 104 5.49 -21.17 3.63
C CYS A 104 6.09 -20.77 2.30
N PHE A 105 6.37 -19.47 2.13
CA PHE A 105 6.93 -18.99 0.87
C PHE A 105 8.45 -18.98 0.92
N ILE A 106 9.05 -19.79 0.07
CA ILE A 106 10.49 -19.85 0.00
C ILE A 106 10.72 -19.08 -1.28
N ASP A 107 11.21 -17.85 -1.17
CA ASP A 107 11.38 -17.01 -2.35
C ASP A 107 12.73 -16.34 -2.60
N LYS A 108 13.05 -16.20 -3.89
CA LYS A 108 14.26 -15.55 -4.38
C LYS A 108 15.59 -16.26 -4.10
N PHE A 109 15.67 -17.54 -4.42
CA PHE A 109 16.90 -18.29 -4.17
C PHE A 109 17.43 -19.06 -5.37
N SER A 110 18.58 -19.70 -5.18
CA SER A 110 19.25 -20.50 -6.20
C SER A 110 20.48 -21.13 -5.58
N PRO A 111 20.84 -22.35 -5.98
CA PRO A 111 20.20 -23.22 -6.98
C PRO A 111 18.86 -23.82 -6.57
N PRO A 112 18.12 -24.38 -7.55
CA PRO A 112 16.81 -25.00 -7.33
C PRO A 112 16.94 -26.35 -6.61
N VAL A 113 17.43 -26.27 -5.39
CA VAL A 113 17.60 -27.43 -4.53
C VAL A 113 17.36 -26.87 -3.15
N VAL A 114 16.50 -27.52 -2.37
CA VAL A 114 16.25 -27.00 -1.04
C VAL A 114 15.64 -28.07 -0.14
N ASN A 115 15.68 -27.85 1.17
CA ASN A 115 15.12 -28.79 2.14
C ASN A 115 14.11 -28.12 3.06
N VAL A 116 12.87 -28.55 2.98
CA VAL A 116 11.79 -27.98 3.77
C VAL A 116 11.13 -28.94 4.77
N THR A 117 10.68 -28.38 5.88
CA THR A 117 10.03 -29.19 6.91
C THR A 117 9.02 -28.37 7.69
N TRP A 118 7.88 -28.98 7.98
CA TRP A 118 6.86 -28.32 8.74
C TRP A 118 7.02 -28.84 10.17
N LEU A 119 6.85 -27.97 11.15
CA LEU A 119 6.97 -28.37 12.54
C LEU A 119 5.77 -27.92 13.36
N ARG A 120 5.14 -28.87 14.04
CA ARG A 120 3.99 -28.60 14.90
C ARG A 120 4.39 -28.86 16.34
N ASN A 121 4.56 -27.78 17.09
CA ASN A 121 4.95 -27.85 18.50
C ASN A 121 6.32 -28.50 18.64
N GLY A 122 7.23 -28.16 17.74
CA GLY A 122 8.57 -28.71 17.81
C GLY A 122 8.78 -29.94 16.95
N ARG A 123 7.76 -30.77 16.82
CA ARG A 123 7.84 -32.01 16.05
C ARG A 123 7.53 -31.85 14.56
N PRO A 124 8.30 -32.54 13.69
CA PRO A 124 8.11 -32.49 12.24
C PRO A 124 6.76 -33.06 11.87
N VAL A 125 6.07 -32.40 10.95
CA VAL A 125 4.77 -32.87 10.52
C VAL A 125 4.91 -33.64 9.23
N THR A 126 4.19 -34.76 9.12
CA THR A 126 4.28 -35.61 7.94
C THR A 126 3.00 -35.80 7.15
N GLU A 127 1.86 -35.65 7.81
CA GLU A 127 0.60 -35.84 7.10
C GLU A 127 -0.06 -34.49 6.87
N GLY A 128 -0.84 -34.41 5.79
CA GLY A 128 -1.52 -33.17 5.47
C GLY A 128 -0.57 -32.08 5.04
N VAL A 129 0.32 -32.42 4.12
CA VAL A 129 1.31 -31.48 3.63
C VAL A 129 1.57 -31.73 2.15
N SER A 130 1.82 -30.66 1.41
CA SER A 130 2.10 -30.76 -0.01
C SER A 130 3.11 -29.69 -0.38
N GLU A 131 3.40 -29.57 -1.68
CA GLU A 131 4.36 -28.58 -2.13
C GLU A 131 4.37 -28.40 -3.64
N THR A 132 5.34 -27.62 -4.11
CA THR A 132 5.46 -27.34 -5.53
C THR A 132 6.90 -27.48 -5.97
N VAL A 133 7.09 -27.87 -7.22
CA VAL A 133 8.44 -27.98 -7.75
C VAL A 133 9.01 -26.58 -7.67
N PHE A 134 10.24 -26.40 -8.14
CA PHE A 134 10.90 -25.09 -8.12
C PHE A 134 10.35 -24.18 -9.21
N LEU A 135 9.67 -23.12 -8.79
CA LEU A 135 9.09 -22.19 -9.74
C LEU A 135 10.08 -21.11 -10.17
N PRO A 136 10.04 -20.73 -11.45
CA PRO A 136 10.94 -19.70 -11.98
C PRO A 136 10.47 -18.33 -11.52
N ARG A 137 11.33 -17.34 -11.67
CA ARG A 137 11.02 -15.96 -11.26
C ARG A 137 11.67 -15.03 -12.30
N ASP A 138 11.04 -13.90 -12.58
CA ASP A 138 11.58 -12.99 -13.58
C ASP A 138 13.06 -12.63 -13.42
N ASP A 139 13.58 -12.69 -12.21
CA ASP A 139 14.99 -12.38 -11.95
C ASP A 139 15.93 -13.57 -12.13
N HIS A 140 15.37 -14.69 -12.59
CA HIS A 140 16.11 -15.92 -12.87
C HIS A 140 16.46 -16.77 -11.66
N LEU A 141 15.85 -16.44 -10.53
CA LEU A 141 16.03 -17.17 -9.28
C LEU A 141 14.82 -18.09 -9.18
N PHE A 142 14.65 -18.78 -8.06
CA PHE A 142 13.50 -19.68 -7.93
C PHE A 142 12.54 -19.39 -6.80
N ARG A 143 11.32 -19.85 -6.98
CA ARG A 143 10.27 -19.66 -6.00
C ARG A 143 9.72 -21.04 -5.65
N LYS A 144 9.42 -21.25 -4.36
CA LYS A 144 8.92 -22.53 -3.87
C LYS A 144 7.82 -22.32 -2.84
N PHE A 145 6.79 -23.16 -2.91
CA PHE A 145 5.69 -23.07 -1.96
C PHE A 145 5.53 -24.39 -1.23
N HIS A 146 5.06 -24.31 0.00
CA HIS A 146 4.79 -25.49 0.81
C HIS A 146 3.47 -25.26 1.53
N TYR A 147 2.73 -26.33 1.77
CA TYR A 147 1.45 -26.21 2.43
C TYR A 147 1.21 -27.22 3.52
N LEU A 148 0.74 -26.70 4.65
CA LEU A 148 0.42 -27.51 5.81
C LEU A 148 -1.06 -27.28 6.03
N THR A 149 -1.76 -28.32 6.44
CA THR A 149 -3.18 -28.16 6.70
C THR A 149 -3.35 -28.29 8.20
N PHE A 150 -4.01 -27.32 8.83
CA PHE A 150 -4.21 -27.42 10.27
C PHE A 150 -5.57 -26.94 10.74
N LEU A 151 -5.79 -27.11 12.04
CA LEU A 151 -7.03 -26.74 12.69
C LEU A 151 -6.67 -25.83 13.86
N PRO A 152 -6.56 -24.53 13.62
CA PRO A 152 -6.21 -23.57 14.66
C PRO A 152 -6.57 -23.96 16.09
N SER A 153 -5.58 -23.82 16.98
CA SER A 153 -5.72 -24.15 18.39
C SER A 153 -4.79 -23.19 19.14
N THR A 154 -5.12 -22.91 20.39
CA THR A 154 -4.31 -22.01 21.20
C THR A 154 -2.97 -22.60 21.64
N ASP A 155 -2.96 -23.88 21.98
CA ASP A 155 -1.73 -24.52 22.44
C ASP A 155 -0.78 -24.78 21.29
N ASP A 156 -1.31 -25.25 20.17
CA ASP A 156 -0.49 -25.56 19.02
C ASP A 156 0.30 -24.33 18.51
N PHE A 157 1.46 -24.59 17.91
CA PHE A 157 2.29 -23.54 17.31
C PHE A 157 3.10 -24.21 16.23
N TYR A 158 3.52 -23.46 15.21
CA TYR A 158 4.26 -24.06 14.11
C TYR A 158 5.55 -23.37 13.67
N ASP A 159 6.27 -24.08 12.80
CA ASP A 159 7.53 -23.61 12.24
C ASP A 159 7.79 -24.25 10.89
N CYS A 160 8.26 -23.45 9.95
CA CYS A 160 8.62 -23.95 8.63
C CYS A 160 10.14 -23.83 8.62
N GLU A 161 10.81 -24.96 8.75
CA GLU A 161 12.26 -24.99 8.78
C GLU A 161 12.77 -25.09 7.35
N VAL A 162 13.60 -24.16 6.93
CA VAL A 162 14.11 -24.21 5.58
C VAL A 162 15.64 -24.22 5.59
N ASP A 163 16.21 -25.13 4.81
CA ASP A 163 17.67 -25.23 4.71
C ASP A 163 18.02 -24.96 3.25
N HIS A 164 19.20 -24.41 3.02
CA HIS A 164 19.69 -24.08 1.67
C HIS A 164 21.15 -23.67 1.75
N TRP A 165 21.98 -24.18 0.85
CA TRP A 165 23.39 -23.86 0.85
C TRP A 165 23.74 -22.38 1.10
N GLY A 166 22.87 -21.48 0.68
CA GLY A 166 23.14 -20.05 0.87
C GLY A 166 23.00 -19.53 2.29
N LEU A 167 22.90 -20.43 3.26
CA LEU A 167 22.73 -20.03 4.65
C LEU A 167 23.76 -20.71 5.53
N GLU A 168 24.03 -20.16 6.70
CA GLU A 168 24.99 -20.78 7.60
C GLU A 168 24.25 -21.89 8.33
N GLU A 169 23.15 -21.51 8.95
CA GLU A 169 22.32 -22.45 9.67
C GLU A 169 20.92 -22.39 9.10
N PRO A 170 20.22 -23.54 9.06
CA PRO A 170 18.85 -23.61 8.53
C PRO A 170 18.04 -22.38 8.93
N LEU A 171 17.07 -22.00 8.12
CA LEU A 171 16.26 -20.84 8.43
C LEU A 171 15.00 -21.35 9.15
N ARG A 172 14.59 -20.70 10.25
CA ARG A 172 13.40 -21.14 10.98
C ARG A 172 12.34 -20.06 11.26
N LYS A 173 11.32 -19.98 10.41
CA LYS A 173 10.26 -19.01 10.60
C LYS A 173 9.12 -19.58 11.42
N HIS A 174 8.64 -18.76 12.34
CA HIS A 174 7.59 -19.14 13.26
C HIS A 174 6.21 -18.60 12.90
N TRP A 175 5.19 -19.18 13.54
CA TRP A 175 3.80 -18.75 13.36
C TRP A 175 2.91 -19.35 14.43
N GLU A 176 2.01 -18.52 14.97
CA GLU A 176 1.05 -18.99 15.96
C GLU A 176 -0.12 -18.02 16.08
N PHE A 177 -1.28 -18.60 16.38
CA PHE A 177 -2.55 -17.88 16.51
C PHE A 177 -2.53 -16.44 17.00
N GLU A 178 -2.59 -15.50 16.06
CA GLU A 178 -2.62 -14.07 16.37
C GLU A 178 -1.25 -13.45 16.72
N PRO B 2 29.27 -28.26 -5.41
CA PRO B 2 29.66 -27.42 -6.57
C PRO B 2 28.69 -27.66 -7.70
N ARG B 3 27.59 -26.91 -7.70
CA ARG B 3 26.55 -27.04 -8.70
C ARG B 3 26.75 -26.17 -9.94
N PHE B 4 26.17 -26.65 -11.04
CA PHE B 4 26.20 -25.98 -12.33
C PHE B 4 24.76 -25.97 -12.81
N LEU B 5 24.26 -24.80 -13.15
CA LEU B 5 22.88 -24.69 -13.59
C LEU B 5 22.71 -24.04 -14.95
N TRP B 6 21.90 -24.68 -15.78
CA TRP B 6 21.62 -24.16 -17.10
C TRP B 6 20.13 -24.01 -17.18
N GLN B 7 19.68 -22.77 -17.33
CA GLN B 7 18.25 -22.53 -17.43
C GLN B 7 17.87 -22.34 -18.89
N LEU B 8 16.57 -22.36 -19.15
CA LEU B 8 16.02 -22.20 -20.49
C LEU B 8 14.61 -21.70 -20.34
N LYS B 9 14.27 -20.64 -21.06
CA LYS B 9 12.94 -20.07 -20.97
C LYS B 9 12.31 -19.65 -22.30
N PHE B 10 11.12 -20.16 -22.56
CA PHE B 10 10.42 -19.81 -23.78
C PHE B 10 9.23 -19.01 -23.35
N GLU B 11 9.33 -17.70 -23.54
CA GLU B 11 8.27 -16.82 -23.16
C GLU B 11 7.53 -16.17 -24.31
N CYS B 12 6.22 -16.07 -24.13
CA CYS B 12 5.31 -15.49 -25.08
C CYS B 12 4.67 -14.28 -24.41
N HIS B 13 4.84 -13.11 -25.01
CA HIS B 13 4.27 -11.89 -24.45
C HIS B 13 3.12 -11.42 -25.30
N PHE B 14 1.98 -11.15 -24.65
CA PHE B 14 0.81 -10.71 -25.39
C PHE B 14 0.40 -9.29 -25.01
N PHE B 15 -0.04 -8.53 -26.01
CA PHE B 15 -0.49 -7.15 -25.82
C PHE B 15 -1.76 -6.98 -26.64
N ASN B 16 -2.82 -6.46 -26.02
CA ASN B 16 -4.09 -6.27 -26.70
C ASN B 16 -4.60 -7.64 -27.21
N GLY B 17 -4.95 -8.53 -26.28
CA GLY B 17 -5.44 -9.85 -26.68
C GLY B 17 -4.35 -10.72 -27.30
N THR B 18 -4.31 -10.74 -28.64
CA THR B 18 -3.29 -11.48 -29.37
C THR B 18 -3.02 -10.77 -30.69
N GLU B 19 -3.11 -9.45 -30.68
CA GLU B 19 -2.87 -8.64 -31.88
C GLU B 19 -1.36 -8.43 -32.08
N ARG B 20 -0.66 -8.09 -30.99
CA ARG B 20 0.78 -7.91 -31.04
C ARG B 20 1.37 -8.90 -30.06
N VAL B 21 2.30 -9.73 -30.53
CA VAL B 21 2.91 -10.72 -29.67
C VAL B 21 4.41 -10.79 -29.85
N ARG B 22 5.12 -10.97 -28.73
CA ARG B 22 6.56 -11.07 -28.80
C ARG B 22 7.07 -12.38 -28.23
N LEU B 23 7.72 -13.17 -29.10
CA LEU B 23 8.30 -14.46 -28.69
C LEU B 23 9.71 -14.13 -28.25
N LEU B 24 10.12 -14.74 -27.16
CA LEU B 24 11.44 -14.52 -26.64
C LEU B 24 12.00 -15.85 -26.20
N GLU B 25 12.93 -16.37 -26.97
CA GLU B 25 13.54 -17.62 -26.59
C GLU B 25 14.92 -17.31 -26.07
N ARG B 26 15.12 -17.56 -24.79
CA ARG B 26 16.40 -17.28 -24.16
C ARG B 26 16.96 -18.46 -23.38
N CYS B 27 18.24 -18.75 -23.62
CA CYS B 27 18.94 -19.83 -22.95
C CYS B 27 19.85 -19.16 -21.91
N ILE B 28 19.68 -19.52 -20.63
CA ILE B 28 20.45 -18.94 -19.54
C ILE B 28 21.44 -19.88 -18.86
N TYR B 29 22.62 -19.34 -18.50
CA TYR B 29 23.64 -20.12 -17.81
C TYR B 29 23.29 -20.12 -16.33
N ASN B 30 24.29 -20.08 -15.44
CA ASN B 30 23.99 -20.11 -14.01
C ASN B 30 22.78 -19.22 -13.71
N GLN B 31 22.85 -17.95 -14.06
CA GLN B 31 21.75 -17.01 -13.85
C GLN B 31 22.00 -15.89 -14.85
N GLU B 32 23.05 -16.12 -15.64
CA GLU B 32 23.50 -15.22 -16.67
C GLU B 32 22.94 -15.65 -18.03
N GLU B 33 22.07 -14.83 -18.59
CA GLU B 33 21.47 -15.12 -19.87
C GLU B 33 22.56 -15.02 -20.95
N SER B 34 22.81 -16.10 -21.70
CA SER B 34 23.84 -16.08 -22.75
C SER B 34 23.36 -15.67 -24.15
N VAL B 35 22.41 -16.40 -24.72
CA VAL B 35 21.86 -16.06 -26.04
C VAL B 35 20.37 -15.94 -25.94
N ARG B 36 19.77 -15.40 -26.99
CA ARG B 36 18.33 -15.26 -27.05
C ARG B 36 17.85 -14.91 -28.44
N PHE B 37 16.61 -15.29 -28.71
CA PHE B 37 15.99 -15.03 -29.98
C PHE B 37 14.78 -14.17 -29.66
N ASP B 38 14.79 -12.94 -30.18
CA ASP B 38 13.71 -11.97 -29.96
C ASP B 38 12.96 -11.87 -31.28
N SER B 39 11.69 -12.26 -31.29
CA SER B 39 10.89 -12.19 -32.52
C SER B 39 10.94 -10.79 -33.13
N ASP B 40 11.15 -9.79 -32.26
CA ASP B 40 11.24 -8.38 -32.64
C ASP B 40 12.52 -8.03 -33.37
N VAL B 41 13.35 -9.05 -33.60
CA VAL B 41 14.61 -8.86 -34.31
C VAL B 41 14.68 -9.90 -35.42
N GLY B 42 14.23 -11.12 -35.12
CA GLY B 42 14.20 -12.21 -36.10
C GLY B 42 15.47 -13.02 -36.28
N GLU B 43 16.29 -13.10 -35.23
CA GLU B 43 17.55 -13.84 -35.27
C GLU B 43 18.16 -13.88 -33.88
N TYR B 44 18.89 -14.94 -33.57
CA TYR B 44 19.53 -15.06 -32.26
C TYR B 44 20.60 -13.99 -32.09
N ARG B 45 20.73 -13.50 -30.87
CA ARG B 45 21.75 -12.51 -30.56
C ARG B 45 22.46 -12.99 -29.32
N ALA B 46 23.70 -12.58 -29.15
CA ALA B 46 24.46 -12.97 -27.98
C ALA B 46 24.33 -11.86 -26.94
N VAL B 47 24.12 -12.26 -25.68
CA VAL B 47 23.97 -11.29 -24.60
C VAL B 47 25.26 -11.11 -23.84
N THR B 48 26.09 -12.14 -23.83
CA THR B 48 27.35 -12.06 -23.13
C THR B 48 28.43 -12.65 -24.03
N GLU B 49 29.60 -12.94 -23.50
CA GLU B 49 30.63 -13.51 -24.34
C GLU B 49 30.31 -14.94 -24.68
N LEU B 50 29.96 -15.71 -23.65
CA LEU B 50 29.65 -17.12 -23.79
C LEU B 50 28.67 -17.50 -24.90
N GLY B 51 27.70 -16.65 -25.17
CA GLY B 51 26.71 -16.97 -26.18
C GLY B 51 27.08 -16.83 -27.64
N ARG B 52 27.99 -15.91 -27.94
CA ARG B 52 28.42 -15.66 -29.32
C ARG B 52 28.45 -16.91 -30.18
N PRO B 53 29.09 -17.98 -29.68
CA PRO B 53 29.17 -19.22 -30.45
C PRO B 53 27.78 -19.63 -30.93
N ASP B 54 26.89 -19.89 -29.98
CA ASP B 54 25.54 -20.31 -30.34
C ASP B 54 24.84 -19.28 -31.22
N ALA B 55 25.13 -18.01 -30.99
CA ALA B 55 24.54 -16.93 -31.77
C ALA B 55 24.88 -17.12 -33.25
N GLU B 56 26.04 -17.69 -33.51
CA GLU B 56 26.46 -17.92 -34.88
C GLU B 56 25.97 -19.26 -35.40
N TYR B 57 26.30 -20.34 -34.68
CA TYR B 57 25.89 -21.68 -35.10
C TYR B 57 24.39 -21.77 -35.39
N TRP B 58 23.57 -21.13 -34.58
CA TRP B 58 22.14 -21.19 -34.79
C TRP B 58 21.67 -20.26 -35.90
N ASN B 59 22.16 -19.02 -35.93
CA ASN B 59 21.74 -18.08 -36.97
C ASN B 59 22.12 -18.61 -38.33
N SER B 60 22.91 -19.69 -38.36
CA SER B 60 23.33 -20.28 -39.63
C SER B 60 22.33 -21.34 -40.08
N GLN B 61 21.63 -21.94 -39.13
CA GLN B 61 20.64 -22.98 -39.41
C GLN B 61 19.29 -22.39 -39.86
N LYS B 62 19.12 -22.19 -41.16
CA LYS B 62 17.87 -21.60 -41.67
C LYS B 62 16.56 -22.30 -41.30
N ASP B 63 16.55 -23.62 -41.26
CA ASP B 63 15.32 -24.32 -40.89
C ASP B 63 14.99 -23.93 -39.46
N LEU B 64 16.05 -23.65 -38.69
CA LEU B 64 15.90 -23.25 -37.30
C LEU B 64 15.35 -21.83 -37.19
N LEU B 65 16.02 -20.90 -37.84
CA LEU B 65 15.58 -19.51 -37.80
C LEU B 65 14.17 -19.36 -38.32
N GLU B 66 13.90 -19.96 -39.47
CA GLU B 66 12.58 -19.86 -40.08
C GLU B 66 11.50 -20.41 -39.16
N GLN B 67 11.85 -21.46 -38.40
CA GLN B 67 10.91 -22.07 -37.48
C GLN B 67 10.73 -21.12 -36.29
N ARG B 68 11.82 -20.54 -35.83
CA ARG B 68 11.79 -19.61 -34.71
C ARG B 68 10.97 -18.38 -35.04
N ARG B 69 11.24 -17.78 -36.20
CA ARG B 69 10.52 -16.58 -36.58
C ARG B 69 9.01 -16.80 -36.61
N ALA B 70 8.57 -17.98 -37.04
CA ALA B 70 7.16 -18.30 -37.13
C ALA B 70 6.60 -18.71 -35.77
N ALA B 71 7.50 -19.09 -34.87
CA ALA B 71 7.08 -19.52 -33.55
C ALA B 71 6.09 -18.57 -32.89
N VAL B 72 6.08 -17.32 -33.35
CA VAL B 72 5.18 -16.34 -32.77
C VAL B 72 3.72 -16.76 -32.84
N ASP B 73 3.39 -17.57 -33.83
CA ASP B 73 2.02 -18.03 -33.98
C ASP B 73 1.94 -19.53 -33.65
N THR B 74 2.79 -20.32 -34.31
CA THR B 74 2.80 -21.77 -34.12
C THR B 74 2.94 -22.11 -32.64
N TYR B 75 3.54 -21.21 -31.89
CA TYR B 75 3.73 -21.42 -30.46
C TYR B 75 2.87 -20.49 -29.62
N CYS B 76 3.26 -19.23 -29.58
CA CYS B 76 2.54 -18.25 -28.77
C CYS B 76 1.05 -18.20 -29.04
N ARG B 77 0.66 -17.62 -30.15
CA ARG B 77 -0.75 -17.50 -30.42
C ARG B 77 -1.43 -18.87 -30.33
N HIS B 78 -0.66 -19.94 -30.40
CA HIS B 78 -1.24 -21.28 -30.33
C HIS B 78 -1.69 -21.66 -28.92
N ASN B 79 -0.76 -21.65 -27.97
CA ASN B 79 -1.08 -22.02 -26.60
C ASN B 79 -2.01 -21.01 -25.96
N TYR B 80 -1.84 -19.74 -26.29
CA TYR B 80 -2.70 -18.71 -25.72
C TYR B 80 -4.15 -19.12 -25.91
N GLY B 81 -4.48 -19.57 -27.12
CA GLY B 81 -5.85 -19.96 -27.41
C GLY B 81 -6.27 -21.30 -26.84
N VAL B 82 -5.30 -22.14 -26.46
CA VAL B 82 -5.62 -23.44 -25.89
C VAL B 82 -5.97 -23.28 -24.42
N GLY B 83 -5.20 -22.44 -23.74
CA GLY B 83 -5.42 -22.25 -22.32
C GLY B 83 -6.16 -20.99 -21.93
N GLU B 84 -6.63 -20.23 -22.90
CA GLU B 84 -7.33 -18.99 -22.59
C GLU B 84 -8.45 -19.14 -21.56
N SER B 85 -9.46 -19.93 -21.89
CA SER B 85 -10.62 -20.14 -21.01
C SER B 85 -10.33 -20.35 -19.52
N PHE B 86 -9.27 -21.08 -19.18
CA PHE B 86 -9.00 -21.30 -17.77
C PHE B 86 -7.86 -20.47 -17.19
N THR B 87 -7.17 -19.72 -18.04
CA THR B 87 -6.08 -18.87 -17.56
C THR B 87 -6.44 -17.41 -17.74
N VAL B 88 -6.45 -16.96 -18.99
CA VAL B 88 -6.76 -15.57 -19.30
C VAL B 88 -8.07 -15.08 -18.70
N GLN B 89 -9.07 -15.94 -18.67
CA GLN B 89 -10.37 -15.55 -18.13
C GLN B 89 -10.81 -16.23 -16.84
N ARG B 90 -9.85 -16.64 -16.01
CA ARG B 90 -10.15 -17.28 -14.74
C ARG B 90 -10.64 -16.21 -13.76
N ARG B 91 -11.74 -16.51 -13.08
CA ARG B 91 -12.27 -15.56 -12.12
C ARG B 91 -12.70 -16.19 -10.82
N VAL B 92 -12.19 -15.62 -9.73
CA VAL B 92 -12.48 -16.10 -8.39
C VAL B 92 -12.78 -14.94 -7.44
N GLU B 93 -14.02 -14.90 -6.97
CA GLU B 93 -14.46 -13.86 -6.05
C GLU B 93 -13.67 -13.81 -4.77
N PRO B 94 -13.43 -12.60 -4.26
CA PRO B 94 -12.66 -12.45 -3.02
C PRO B 94 -13.54 -12.48 -1.77
N THR B 95 -13.16 -13.28 -0.79
CA THR B 95 -13.93 -13.33 0.44
C THR B 95 -13.24 -12.29 1.34
N VAL B 96 -14.02 -11.36 1.90
CA VAL B 96 -13.49 -10.30 2.74
C VAL B 96 -13.79 -10.41 4.24
N THR B 97 -12.76 -10.18 5.06
CA THR B 97 -12.88 -10.26 6.52
C THR B 97 -12.21 -9.03 7.18
N VAL B 98 -12.84 -8.45 8.19
CA VAL B 98 -12.26 -7.31 8.90
C VAL B 98 -12.11 -7.63 10.37
N TYR B 99 -11.06 -7.13 11.00
CA TYR B 99 -10.86 -7.39 12.42
C TYR B 99 -9.89 -6.42 13.10
N PRO B 100 -10.19 -6.04 14.35
CA PRO B 100 -9.39 -5.13 15.16
C PRO B 100 -8.07 -5.79 15.56
N THR B 101 -6.96 -5.08 15.41
CA THR B 101 -5.70 -5.69 15.81
C THR B 101 -5.61 -5.74 17.33
N LYS B 102 -5.48 -4.58 17.95
CA LYS B 102 -5.35 -4.50 19.41
C LYS B 102 -6.62 -4.77 20.22
N THR B 103 -6.43 -4.98 21.52
CA THR B 103 -7.54 -5.20 22.44
C THR B 103 -7.50 -4.02 23.42
N GLN B 104 -8.43 -3.11 23.23
CA GLN B 104 -8.48 -1.92 24.08
C GLN B 104 -9.88 -1.29 24.08
N PRO B 105 -10.41 -0.95 25.26
CA PRO B 105 -11.73 -0.33 25.36
C PRO B 105 -11.79 0.90 24.47
N LEU B 106 -13.00 1.42 24.26
CA LEU B 106 -13.17 2.60 23.44
C LEU B 106 -12.15 3.69 23.79
N GLN B 107 -11.86 4.55 22.83
CA GLN B 107 -10.92 5.66 23.00
C GLN B 107 -9.45 5.28 23.15
N HIS B 108 -8.92 4.28 22.41
CA HIS B 108 -7.48 3.98 22.68
C HIS B 108 -6.46 3.72 21.52
N HIS B 109 -6.89 3.75 20.24
CA HIS B 109 -5.98 3.68 19.07
C HIS B 109 -5.35 2.36 18.62
N ASN B 110 -5.98 1.70 17.67
CA ASN B 110 -5.55 0.39 17.21
C ASN B 110 -5.77 0.12 15.73
N LEU B 111 -5.09 -0.90 15.23
CA LEU B 111 -5.19 -1.25 13.82
C LEU B 111 -6.47 -2.00 13.47
N LEU B 112 -6.94 -1.75 12.26
CA LEU B 112 -8.12 -2.40 11.72
C LEU B 112 -7.62 -3.07 10.45
N VAL B 113 -7.76 -4.38 10.39
CA VAL B 113 -7.27 -5.11 9.22
C VAL B 113 -8.37 -5.62 8.30
N CYS B 114 -8.20 -5.36 7.01
CA CYS B 114 -9.15 -5.83 6.05
C CYS B 114 -8.50 -6.87 5.17
N SER B 115 -8.79 -8.13 5.47
CA SER B 115 -8.25 -9.25 4.72
C SER B 115 -9.10 -9.53 3.50
N VAL B 116 -8.47 -9.40 2.33
CA VAL B 116 -9.12 -9.67 1.05
C VAL B 116 -8.39 -10.89 0.51
N SER B 117 -8.99 -12.07 0.67
CA SER B 117 -8.34 -13.30 0.25
C SER B 117 -9.09 -14.18 -0.73
N ASP B 118 -8.40 -15.22 -1.16
CA ASP B 118 -8.95 -16.20 -2.08
C ASP B 118 -9.45 -15.61 -3.40
N PHE B 119 -8.65 -14.77 -4.04
CA PHE B 119 -9.11 -14.18 -5.30
C PHE B 119 -8.14 -14.28 -6.48
N TYR B 120 -8.70 -14.16 -7.67
CA TYR B 120 -7.96 -14.20 -8.94
C TYR B 120 -8.88 -13.59 -9.98
N PRO B 121 -8.36 -12.76 -10.90
CA PRO B 121 -6.98 -12.29 -11.09
C PRO B 121 -6.43 -11.57 -9.88
N GLY B 122 -5.24 -11.02 -10.03
CA GLY B 122 -4.63 -10.29 -8.95
C GLY B 122 -5.13 -8.86 -8.89
N ASN B 123 -5.48 -8.32 -10.05
CA ASN B 123 -5.99 -6.95 -10.20
C ASN B 123 -7.15 -6.69 -9.24
N ILE B 124 -6.97 -5.77 -8.28
CA ILE B 124 -8.03 -5.48 -7.31
C ILE B 124 -7.89 -4.11 -6.64
N GLU B 125 -9.01 -3.55 -6.17
CA GLU B 125 -9.00 -2.25 -5.49
C GLU B 125 -9.65 -2.36 -4.11
N VAL B 126 -9.00 -1.79 -3.11
CA VAL B 126 -9.52 -1.82 -1.75
C VAL B 126 -9.64 -0.42 -1.12
N ARG B 127 -10.79 -0.17 -0.48
CA ARG B 127 -11.06 1.12 0.15
C ARG B 127 -11.62 1.02 1.57
N TRP B 128 -11.19 1.97 2.42
CA TRP B 128 -11.60 2.06 3.82
C TRP B 128 -12.61 3.18 4.07
N PHE B 129 -13.65 2.88 4.82
CA PHE B 129 -14.69 3.86 5.13
C PHE B 129 -15.04 3.95 6.62
N ARG B 130 -15.24 5.17 7.11
CA ARG B 130 -15.64 5.35 8.50
C ARG B 130 -16.88 6.21 8.51
N ASN B 131 -18.01 5.63 8.87
CA ASN B 131 -19.24 6.39 8.89
C ASN B 131 -19.48 7.10 7.56
N GLY B 132 -19.33 6.36 6.45
CA GLY B 132 -19.57 6.89 5.12
C GLY B 132 -18.53 7.79 4.46
N LYS B 133 -17.52 8.20 5.20
CA LYS B 133 -16.50 9.06 4.67
C LYS B 133 -15.23 8.25 4.41
N GLU B 134 -14.87 8.12 3.13
CA GLU B 134 -13.70 7.37 2.71
C GLU B 134 -12.37 7.86 3.29
N GLU B 135 -11.53 6.90 3.65
CA GLU B 135 -10.21 7.17 4.23
C GLU B 135 -9.17 7.13 3.11
N GLU B 136 -8.15 7.97 3.20
CA GLU B 136 -7.13 7.99 2.16
C GLU B 136 -5.74 8.04 2.79
N THR B 137 -5.62 8.83 3.83
CA THR B 137 -4.37 9.00 4.56
C THR B 137 -4.11 7.83 5.50
N GLY B 138 -2.83 7.65 5.84
CA GLY B 138 -2.39 6.61 6.76
C GLY B 138 -2.89 5.19 6.53
N ILE B 139 -3.07 4.80 5.27
CA ILE B 139 -3.53 3.45 4.93
C ILE B 139 -2.35 2.60 4.49
N VAL B 140 -1.98 1.64 5.33
CA VAL B 140 -0.86 0.78 5.01
C VAL B 140 -1.36 -0.48 4.32
N SER B 141 -0.63 -0.90 3.29
CA SER B 141 -1.00 -2.10 2.55
C SER B 141 0.17 -3.06 2.45
N THR B 142 -0.16 -4.33 2.69
CA THR B 142 0.81 -5.42 2.67
C THR B 142 1.20 -5.73 1.21
N GLY B 143 0.43 -5.20 0.28
CA GLY B 143 0.71 -5.47 -1.11
C GLY B 143 -0.02 -6.73 -1.49
N LEU B 144 0.17 -7.18 -2.72
CA LEU B 144 -0.52 -8.37 -3.20
C LEU B 144 0.26 -9.65 -2.92
N VAL B 145 -0.46 -10.70 -2.56
CA VAL B 145 0.18 -11.99 -2.28
C VAL B 145 -0.21 -13.07 -3.27
N ARG B 146 0.79 -13.85 -3.67
CA ARG B 146 0.61 -14.96 -4.60
C ARG B 146 0.73 -16.24 -3.79
N ASN B 147 -0.43 -16.82 -3.49
CA ASN B 147 -0.53 -18.04 -2.70
C ASN B 147 0.03 -19.27 -3.36
N GLY B 148 0.29 -19.18 -4.64
CA GLY B 148 0.85 -20.33 -5.34
C GLY B 148 -0.15 -21.31 -5.91
N ASP B 149 -1.42 -21.23 -5.50
CA ASP B 149 -2.43 -22.14 -6.02
C ASP B 149 -3.44 -21.42 -6.91
N TRP B 150 -2.93 -20.44 -7.65
CA TRP B 150 -3.76 -19.61 -8.54
C TRP B 150 -4.78 -18.92 -7.68
N THR B 151 -4.27 -18.10 -6.78
CA THR B 151 -5.07 -17.37 -5.82
C THR B 151 -4.23 -16.26 -5.19
N PHE B 152 -4.82 -15.08 -5.04
CA PHE B 152 -4.12 -13.95 -4.43
C PHE B 152 -4.72 -13.57 -3.09
N GLN B 153 -4.01 -12.71 -2.37
CA GLN B 153 -4.49 -12.22 -1.09
C GLN B 153 -3.75 -10.95 -0.68
N THR B 154 -4.45 -10.11 0.07
CA THR B 154 -3.87 -8.84 0.53
C THR B 154 -4.42 -8.46 1.87
N LEU B 155 -3.71 -7.55 2.53
CA LEU B 155 -4.11 -7.00 3.81
C LEU B 155 -3.97 -5.50 3.70
N VAL B 156 -4.99 -4.80 4.14
CA VAL B 156 -4.99 -3.35 4.09
C VAL B 156 -5.34 -2.87 5.50
N MET B 157 -4.36 -2.35 6.21
CA MET B 157 -4.61 -1.90 7.56
C MET B 157 -5.01 -0.44 7.67
N LEU B 158 -5.78 -0.15 8.73
CA LEU B 158 -6.25 1.19 9.01
C LEU B 158 -6.22 1.43 10.51
N GLU B 159 -5.61 2.53 10.94
CA GLU B 159 -5.56 2.85 12.37
C GLU B 159 -6.55 3.91 12.72
N THR B 160 -7.11 3.82 13.92
CA THR B 160 -8.07 4.80 14.40
C THR B 160 -8.24 4.71 15.91
N VAL B 161 -9.32 5.32 16.38
CA VAL B 161 -9.66 5.34 17.79
C VAL B 161 -11.13 5.06 17.87
N PRO B 162 -11.52 3.79 17.61
CA PRO B 162 -12.91 3.37 17.66
C PRO B 162 -13.68 4.05 18.74
N GLN B 163 -14.63 4.88 18.35
CA GLN B 163 -15.46 5.57 19.31
C GLN B 163 -16.81 4.87 19.18
N SER B 164 -17.63 4.93 20.21
CA SER B 164 -18.93 4.27 20.17
C SER B 164 -19.80 4.75 19.04
N GLY B 165 -20.43 3.79 18.35
CA GLY B 165 -21.31 4.15 17.26
C GLY B 165 -20.65 4.24 15.91
N GLU B 166 -19.33 4.15 15.85
CA GLU B 166 -18.68 4.24 14.55
C GLU B 166 -18.95 2.99 13.73
N VAL B 167 -18.82 3.13 12.41
CA VAL B 167 -19.02 2.01 11.49
C VAL B 167 -17.96 2.01 10.39
N TYR B 168 -16.90 1.26 10.63
CA TYR B 168 -15.81 1.14 9.66
C TYR B 168 -16.23 0.12 8.62
N THR B 169 -16.00 0.43 7.35
CA THR B 169 -16.39 -0.47 6.28
C THR B 169 -15.31 -0.61 5.23
N CYS B 170 -14.97 -1.86 4.91
CA CYS B 170 -13.97 -2.14 3.91
C CYS B 170 -14.70 -2.42 2.60
N GLN B 171 -14.42 -1.60 1.58
CA GLN B 171 -15.08 -1.81 0.30
C GLN B 171 -14.09 -2.36 -0.72
N VAL B 172 -14.43 -3.49 -1.31
CA VAL B 172 -13.56 -4.11 -2.29
C VAL B 172 -14.22 -4.17 -3.67
N GLU B 173 -13.42 -3.99 -4.71
CA GLU B 173 -13.90 -4.05 -6.09
C GLU B 173 -12.92 -5.01 -6.76
N HIS B 174 -13.44 -5.99 -7.50
CA HIS B 174 -12.59 -6.97 -8.19
C HIS B 174 -13.29 -7.51 -9.43
N PRO B 175 -12.55 -7.77 -10.51
CA PRO B 175 -13.13 -8.29 -11.75
C PRO B 175 -14.14 -9.43 -11.62
N SER B 176 -13.99 -10.24 -10.57
CA SER B 176 -14.87 -11.37 -10.34
C SER B 176 -16.20 -10.91 -9.76
N LEU B 177 -16.32 -9.60 -9.56
CA LEU B 177 -17.53 -9.03 -8.98
C LEU B 177 -18.15 -7.98 -9.87
N THR B 178 -19.47 -8.04 -9.97
CA THR B 178 -20.23 -7.10 -10.77
C THR B 178 -20.54 -5.88 -9.91
N ASP B 179 -20.54 -6.11 -8.59
CA ASP B 179 -20.80 -5.06 -7.60
C ASP B 179 -19.86 -5.22 -6.41
N PRO B 180 -19.32 -4.12 -5.90
CA PRO B 180 -18.39 -4.19 -4.76
C PRO B 180 -18.92 -4.92 -3.53
N VAL B 181 -18.00 -5.56 -2.83
CA VAL B 181 -18.29 -6.29 -1.61
C VAL B 181 -17.96 -5.38 -0.45
N THR B 182 -18.89 -5.23 0.48
CA THR B 182 -18.65 -4.38 1.62
C THR B 182 -18.75 -5.15 2.91
N VAL B 183 -17.91 -4.75 3.87
CA VAL B 183 -17.89 -5.38 5.18
C VAL B 183 -17.76 -4.25 6.20
N GLU B 184 -18.73 -4.16 7.10
CA GLU B 184 -18.70 -3.11 8.12
C GLU B 184 -18.14 -3.64 9.43
N TRP B 185 -18.00 -2.74 10.37
CA TRP B 185 -17.50 -3.03 11.70
C TRP B 185 -17.89 -1.84 12.57
N LYS B 186 -18.32 -2.11 13.80
CA LYS B 186 -18.73 -1.05 14.70
C LYS B 186 -18.01 -1.16 16.04
N ALA B 187 -18.34 -0.27 16.97
CA ALA B 187 -17.72 -0.28 18.30
C ALA B 187 -18.41 -1.25 19.25
N GLU C 1 -16.15 14.56 -3.44
CA GLU C 1 -15.07 15.12 -4.31
C GLU C 1 -14.26 16.14 -3.51
N HIS C 2 -14.95 17.02 -2.78
CA HIS C 2 -14.29 18.04 -1.97
C HIS C 2 -15.15 18.47 -0.79
N VAL C 3 -14.48 18.93 0.27
CA VAL C 3 -15.17 19.39 1.46
C VAL C 3 -14.48 20.62 2.03
N ILE C 4 -15.27 21.54 2.58
CA ILE C 4 -14.73 22.74 3.20
C ILE C 4 -15.42 22.88 4.53
N ILE C 5 -14.64 22.87 5.60
CA ILE C 5 -15.25 22.98 6.91
C ILE C 5 -14.76 24.18 7.66
N GLN C 6 -15.68 24.86 8.32
CA GLN C 6 -15.34 26.02 9.15
C GLN C 6 -15.44 25.48 10.59
N ALA C 7 -14.30 25.11 11.16
CA ALA C 7 -14.26 24.56 12.51
C ALA C 7 -13.87 25.59 13.55
N GLU C 8 -14.34 25.39 14.75
CA GLU C 8 -14.02 26.31 15.83
C GLU C 8 -14.37 25.65 17.13
N PHE C 9 -13.73 26.07 18.21
CA PHE C 9 -14.01 25.48 19.51
C PHE C 9 -13.50 26.38 20.61
N TYR C 10 -14.04 26.21 21.80
CA TYR C 10 -13.62 26.95 22.97
C TYR C 10 -13.44 25.92 24.07
N LEU C 11 -12.41 26.08 24.89
CA LEU C 11 -12.17 25.14 25.94
C LEU C 11 -11.99 25.83 27.29
N ASN C 12 -12.83 25.49 28.26
CA ASN C 12 -12.71 26.02 29.61
C ASN C 12 -11.95 24.93 30.34
N PRO C 13 -11.17 25.28 31.38
CA PRO C 13 -10.94 26.61 31.94
C PRO C 13 -9.86 27.37 31.16
N ASP C 14 -9.12 26.65 30.33
CA ASP C 14 -8.06 27.27 29.55
C ASP C 14 -8.58 28.54 28.92
N GLN C 15 -9.83 28.49 28.47
CA GLN C 15 -10.49 29.63 27.83
C GLN C 15 -9.78 29.91 26.49
N SER C 16 -9.42 28.81 25.82
CA SER C 16 -8.74 28.89 24.53
C SER C 16 -9.72 28.61 23.41
N GLY C 17 -9.89 29.62 22.55
CA GLY C 17 -10.80 29.48 21.44
C GLY C 17 -10.02 29.46 20.14
N GLU C 18 -10.67 28.99 19.09
CA GLU C 18 -10.02 28.89 17.80
C GLU C 18 -11.07 28.97 16.70
N PHE C 19 -10.71 29.64 15.62
CA PHE C 19 -11.59 29.79 14.44
C PHE C 19 -10.73 29.40 13.24
N MET C 20 -11.19 28.42 12.49
CA MET C 20 -10.40 27.92 11.37
C MET C 20 -11.14 27.49 10.10
N PHE C 21 -10.46 27.52 8.97
CA PHE C 21 -11.05 27.08 7.70
C PHE C 21 -10.24 25.88 7.15
N ASP C 22 -10.91 24.75 6.93
CA ASP C 22 -10.28 23.52 6.42
C ASP C 22 -10.76 23.07 5.05
N PHE C 23 -9.83 22.62 4.22
CA PHE C 23 -10.14 22.12 2.87
C PHE C 23 -9.53 20.75 2.61
N ASP C 24 -10.40 19.75 2.53
CA ASP C 24 -9.98 18.37 2.26
C ASP C 24 -8.89 17.86 3.20
N GLY C 25 -8.81 18.44 4.39
CA GLY C 25 -7.83 18.00 5.37
C GLY C 25 -6.75 19.01 5.72
N ASP C 26 -6.66 20.09 4.97
CA ASP C 26 -5.67 21.13 5.21
C ASP C 26 -6.31 22.48 5.55
N GLU C 27 -5.67 23.24 6.43
CA GLU C 27 -6.22 24.54 6.83
C GLU C 27 -5.83 25.68 5.90
N ILE C 28 -6.80 26.53 5.60
CA ILE C 28 -6.57 27.67 4.74
C ILE C 28 -6.10 28.79 5.65
N PHE C 29 -6.69 28.86 6.83
CA PHE C 29 -6.33 29.91 7.76
C PHE C 29 -7.08 29.77 9.09
N HIS C 30 -6.54 30.43 10.09
CA HIS C 30 -7.16 30.45 11.40
C HIS C 30 -6.93 31.87 11.86
N VAL C 31 -7.86 32.39 12.66
CA VAL C 31 -7.75 33.74 13.16
C VAL C 31 -7.08 33.75 14.52
N ASP C 32 -6.22 34.75 14.75
CA ASP C 32 -5.52 34.91 16.02
C ASP C 32 -6.28 35.92 16.88
N MET C 33 -6.76 35.46 18.05
CA MET C 33 -7.53 36.29 18.97
C MET C 33 -6.88 37.63 19.36
N ALA C 34 -5.59 37.59 19.70
CA ALA C 34 -4.87 38.80 20.11
C ALA C 34 -4.78 39.85 19.02
N LYS C 35 -3.93 39.60 18.03
CA LYS C 35 -3.75 40.53 16.92
C LYS C 35 -5.10 40.74 16.22
N LYS C 36 -6.04 39.84 16.48
CA LYS C 36 -7.36 39.97 15.87
C LYS C 36 -7.21 40.03 14.36
N GLU C 37 -6.40 39.12 13.81
CA GLU C 37 -6.18 39.09 12.38
C GLU C 37 -6.17 37.68 11.78
N THR C 38 -6.43 37.63 10.47
CA THR C 38 -6.44 36.39 9.71
C THR C 38 -5.00 35.95 9.52
N VAL C 39 -4.76 34.64 9.63
CA VAL C 39 -3.42 34.09 9.48
C VAL C 39 -3.46 32.88 8.57
N TRP C 40 -2.94 33.04 7.36
CA TRP C 40 -2.93 31.98 6.36
C TRP C 40 -1.78 30.99 6.51
N ARG C 41 -2.08 29.71 6.35
CA ARG C 41 -1.09 28.65 6.47
C ARG C 41 -0.04 28.77 5.38
N LEU C 42 -0.38 29.53 4.34
CA LEU C 42 0.52 29.77 3.23
C LEU C 42 0.33 31.20 2.77
N GLU C 43 1.37 32.00 2.94
CA GLU C 43 1.32 33.39 2.55
C GLU C 43 0.77 33.56 1.14
N GLU C 44 1.16 32.68 0.22
CA GLU C 44 0.67 32.76 -1.15
C GLU C 44 -0.86 32.83 -1.23
N PHE C 45 -1.53 32.46 -0.13
CA PHE C 45 -3.00 32.47 -0.07
C PHE C 45 -3.62 33.86 0.05
N GLY C 46 -3.07 34.65 0.97
CA GLY C 46 -3.57 36.00 1.22
C GLY C 46 -3.53 36.90 0.01
N ARG C 47 -2.83 36.44 -1.03
CA ARG C 47 -2.73 37.21 -2.26
C ARG C 47 -3.92 36.86 -3.15
N PHE C 48 -4.85 36.05 -2.64
CA PHE C 48 -6.02 35.66 -3.43
C PHE C 48 -7.31 35.69 -2.64
N ALA C 49 -7.21 35.76 -1.32
CA ALA C 49 -8.43 35.79 -0.54
C ALA C 49 -8.25 36.66 0.69
N SER C 50 -9.36 37.03 1.29
CA SER C 50 -9.34 37.85 2.47
C SER C 50 -10.34 37.33 3.48
N PHE C 51 -10.17 37.77 4.71
CA PHE C 51 -11.09 37.38 5.74
C PHE C 51 -11.15 38.43 6.82
N GLU C 52 -12.36 38.62 7.34
CA GLU C 52 -12.61 39.57 8.41
C GLU C 52 -12.60 38.86 9.75
N ALA C 53 -11.45 38.91 10.40
CA ALA C 53 -11.23 38.26 11.69
C ALA C 53 -12.18 38.64 12.83
N GLN C 54 -12.79 39.82 12.77
CA GLN C 54 -13.70 40.24 13.83
C GLN C 54 -14.94 39.36 13.91
N GLY C 55 -15.54 39.08 12.75
CA GLY C 55 -16.72 38.24 12.73
C GLY C 55 -16.40 36.87 13.29
N ALA C 56 -15.13 36.50 13.19
CA ALA C 56 -14.67 35.24 13.68
C ALA C 56 -14.68 35.26 15.20
N LEU C 57 -14.49 36.43 15.78
CA LEU C 57 -14.48 36.56 17.23
C LEU C 57 -15.87 36.41 17.80
N ALA C 58 -16.86 36.73 16.98
CA ALA C 58 -18.24 36.63 17.41
C ALA C 58 -18.54 35.18 17.75
N ASN C 59 -18.44 34.30 16.75
CA ASN C 59 -18.69 32.87 16.93
C ASN C 59 -18.10 32.30 18.21
N ILE C 60 -16.82 32.56 18.43
CA ILE C 60 -16.15 32.07 19.62
C ILE C 60 -16.91 32.56 20.85
N ALA C 61 -17.31 33.83 20.82
CA ALA C 61 -18.05 34.40 21.94
C ALA C 61 -19.31 33.58 22.17
N VAL C 62 -20.08 33.39 21.11
CA VAL C 62 -21.30 32.61 21.16
C VAL C 62 -20.93 31.20 21.58
N ASP C 63 -19.73 30.78 21.18
CA ASP C 63 -19.23 29.46 21.49
C ASP C 63 -18.87 29.24 22.95
N LYS C 64 -18.50 30.31 23.65
CA LYS C 64 -18.16 30.21 25.06
C LYS C 64 -19.45 30.15 25.89
N ALA C 65 -20.51 30.71 25.32
CA ALA C 65 -21.80 30.72 25.95
C ALA C 65 -22.47 29.36 25.84
N ASN C 66 -22.92 29.00 24.64
CA ASN C 66 -23.58 27.72 24.45
C ASN C 66 -22.80 26.63 25.16
N LEU C 67 -21.50 26.82 25.27
CA LEU C 67 -20.63 25.86 25.93
C LEU C 67 -21.01 25.69 27.39
N GLU C 68 -20.94 26.81 28.11
CA GLU C 68 -21.28 26.83 29.52
C GLU C 68 -22.73 26.39 29.73
N ILE C 69 -23.62 26.81 28.84
CA ILE C 69 -25.02 26.44 28.95
C ILE C 69 -25.15 24.93 29.06
N MET C 70 -24.24 24.20 28.44
CA MET C 70 -24.28 22.74 28.52
C MET C 70 -23.20 22.21 29.44
N THR C 71 -22.22 23.05 29.76
CA THR C 71 -21.16 22.66 30.67
C THR C 71 -21.81 22.39 32.02
N LYS C 72 -23.10 22.72 32.09
CA LYS C 72 -23.86 22.52 33.32
C LYS C 72 -24.84 21.37 33.17
N ARG C 73 -25.79 21.52 32.24
CA ARG C 73 -26.79 20.46 32.07
C ARG C 73 -26.21 19.07 31.91
N SER C 74 -24.96 18.97 31.45
CA SER C 74 -24.33 17.67 31.27
C SER C 74 -24.10 17.08 32.65
N ASN C 75 -24.58 17.81 33.66
CA ASN C 75 -24.42 17.42 35.05
C ASN C 75 -22.93 17.57 35.34
N TYR C 76 -22.28 18.34 34.46
CA TYR C 76 -20.85 18.63 34.53
C TYR C 76 -19.97 17.49 34.05
N THR C 77 -20.48 16.69 33.13
CA THR C 77 -19.70 15.61 32.56
C THR C 77 -18.49 16.26 31.88
N PRO C 78 -17.28 15.89 32.31
CA PRO C 78 -16.02 16.43 31.75
C PRO C 78 -15.55 15.65 30.52
N ILE C 79 -14.66 16.27 29.75
CA ILE C 79 -14.10 15.63 28.57
C ILE C 79 -13.07 14.59 29.04
N THR C 80 -13.06 13.43 28.39
CA THR C 80 -12.13 12.37 28.74
C THR C 80 -10.87 12.57 27.89
N ASN C 81 -9.72 12.10 28.37
CA ASN C 81 -8.48 12.26 27.63
C ASN C 81 -8.20 11.16 26.62
N VAL C 82 -7.78 11.53 25.43
CA VAL C 82 -7.44 10.58 24.38
C VAL C 82 -5.99 10.81 23.98
N ALA C 83 -5.12 9.92 24.41
CA ALA C 83 -3.70 10.01 24.11
C ALA C 83 -3.44 10.14 22.63
N PRO C 84 -2.41 10.93 22.27
CA PRO C 84 -1.95 11.22 20.92
C PRO C 84 -1.02 10.20 20.28
N GLU C 85 -1.27 9.88 19.02
CA GLU C 85 -0.46 8.93 18.26
C GLU C 85 0.68 9.72 17.61
N VAL C 86 1.77 9.86 18.37
CA VAL C 86 2.95 10.59 17.95
C VAL C 86 3.83 9.86 16.96
N THR C 87 4.33 10.61 15.97
CA THR C 87 5.19 10.05 14.92
C THR C 87 6.22 11.08 14.45
N VAL C 88 7.25 10.60 13.75
CA VAL C 88 8.30 11.49 13.24
C VAL C 88 8.98 11.02 11.97
N LEU C 89 9.08 11.91 10.99
CA LEU C 89 9.75 11.61 9.73
C LEU C 89 10.11 12.87 8.95
N SER C 90 11.12 12.76 8.09
CA SER C 90 11.52 13.89 7.29
C SER C 90 10.39 14.23 6.35
N ARG C 91 10.49 15.39 5.73
CA ARG C 91 9.48 15.82 4.79
C ARG C 91 10.02 15.44 3.43
N SER C 92 11.33 15.33 3.36
CA SER C 92 11.99 15.00 2.11
C SER C 92 13.10 13.99 2.35
N PRO C 93 13.40 13.16 1.34
CA PRO C 93 14.46 12.15 1.47
C PRO C 93 15.74 12.79 1.98
N VAL C 94 16.15 12.35 3.16
CA VAL C 94 17.34 12.86 3.83
C VAL C 94 18.70 12.53 3.21
N ASN C 95 19.43 13.57 2.76
CA ASN C 95 20.76 13.36 2.21
C ASN C 95 21.75 14.14 3.09
N LEU C 96 23.04 13.83 3.01
CA LEU C 96 23.99 14.54 3.87
C LEU C 96 24.36 15.94 3.39
N GLY C 97 24.26 16.90 4.29
CA GLY C 97 24.58 18.28 3.96
C GLY C 97 23.40 19.09 3.44
N GLU C 98 22.47 18.41 2.78
CA GLU C 98 21.29 19.09 2.23
C GLU C 98 20.23 19.31 3.32
N PRO C 99 19.78 20.57 3.49
CA PRO C 99 18.77 20.98 4.46
C PRO C 99 17.49 20.17 4.39
N ASN C 100 16.85 19.95 5.53
CA ASN C 100 15.61 19.18 5.56
C ASN C 100 14.77 19.65 6.76
N ILE C 101 13.57 19.09 6.88
CA ILE C 101 12.64 19.44 7.95
C ILE C 101 12.02 18.20 8.59
N LEU C 102 12.13 18.08 9.90
CA LEU C 102 11.58 16.96 10.64
C LEU C 102 10.17 17.23 11.09
N ILE C 103 9.19 16.45 10.62
CA ILE C 103 7.82 16.71 11.06
C ILE C 103 7.39 15.76 12.17
N CYS C 104 6.91 16.35 13.26
CA CYS C 104 6.44 15.60 14.40
C CYS C 104 4.91 15.51 14.31
N PHE C 105 4.43 14.31 14.03
CA PHE C 105 3.00 14.02 13.91
C PHE C 105 2.33 13.79 15.26
N ILE C 106 1.32 14.59 15.57
CA ILE C 106 0.58 14.46 16.81
C ILE C 106 -0.82 14.34 16.26
N ASP C 107 -1.30 13.11 16.13
CA ASP C 107 -2.61 12.84 15.54
C ASP C 107 -3.58 12.09 16.43
N LYS C 108 -4.86 12.22 16.11
CA LYS C 108 -5.93 11.55 16.84
C LYS C 108 -5.87 11.66 18.36
N PHE C 109 -5.89 12.87 18.89
CA PHE C 109 -5.87 13.02 20.34
C PHE C 109 -6.95 14.03 20.75
N SER C 110 -7.04 14.29 22.05
CA SER C 110 -8.05 15.20 22.61
C SER C 110 -8.01 15.15 24.14
N PRO C 111 -8.33 16.28 24.81
CA PRO C 111 -8.72 17.58 24.28
C PRO C 111 -7.59 18.30 23.55
N PRO C 112 -7.85 19.53 23.04
CA PRO C 112 -6.85 20.32 22.30
C PRO C 112 -5.86 21.12 23.14
N VAL C 113 -4.94 20.42 23.80
CA VAL C 113 -3.92 21.06 24.63
C VAL C 113 -2.73 20.11 24.78
N VAL C 114 -1.53 20.59 24.48
CA VAL C 114 -0.36 19.73 24.59
C VAL C 114 0.96 20.50 24.47
N ASN C 115 1.92 20.16 25.32
CA ASN C 115 3.23 20.82 25.29
C ASN C 115 4.19 20.02 24.42
N VAL C 116 4.99 20.72 23.62
CA VAL C 116 5.94 20.05 22.74
C VAL C 116 7.31 20.70 22.84
N THR C 117 8.34 20.00 22.37
CA THR C 117 9.70 20.50 22.41
C THR C 117 10.65 19.62 21.60
N TRP C 118 11.15 20.14 20.48
CA TRP C 118 12.09 19.38 19.65
C TRP C 118 13.39 19.20 20.42
N LEU C 119 14.11 18.13 20.13
CA LEU C 119 15.38 17.88 20.80
C LEU C 119 16.51 17.40 19.91
N ARG C 120 17.55 18.23 19.80
CA ARG C 120 18.71 17.87 19.00
C ARG C 120 19.78 17.37 19.96
N ASN C 121 19.82 16.07 20.16
CA ASN C 121 20.78 15.48 21.06
C ASN C 121 20.53 16.03 22.46
N GLY C 122 19.34 15.75 23.00
CA GLY C 122 18.99 16.23 24.34
C GLY C 122 19.00 17.74 24.49
N ARG C 123 19.41 18.45 23.44
CA ARG C 123 19.47 19.92 23.47
C ARG C 123 18.18 20.56 22.95
N PRO C 124 17.28 20.98 23.86
CA PRO C 124 16.05 21.60 23.39
C PRO C 124 16.32 22.65 22.32
N VAL C 125 15.90 22.36 21.10
CA VAL C 125 16.07 23.25 19.97
C VAL C 125 15.05 24.38 20.12
N THR C 126 15.45 25.61 19.80
CA THR C 126 14.55 26.77 19.91
C THR C 126 14.41 27.54 18.60
N GLU C 127 15.33 27.29 17.66
CA GLU C 127 15.32 27.97 16.37
C GLU C 127 14.94 27.05 15.21
N GLY C 128 14.48 27.65 14.12
CA GLY C 128 14.09 26.88 12.96
C GLY C 128 12.87 26.01 13.20
N VAL C 129 12.20 26.21 14.32
CA VAL C 129 11.00 25.43 14.65
C VAL C 129 9.73 26.18 14.31
N SER C 130 8.66 25.44 14.05
CA SER C 130 7.37 26.04 13.75
C SER C 130 6.28 25.05 14.19
N GLU C 131 5.03 25.49 14.23
CA GLU C 131 3.96 24.62 14.68
C GLU C 131 2.59 25.15 14.30
N THR C 132 1.72 24.24 13.87
CA THR C 132 0.37 24.63 13.50
C THR C 132 -0.51 24.63 14.73
N VAL C 133 -1.73 25.11 14.55
CA VAL C 133 -2.74 25.20 15.59
C VAL C 133 -3.52 23.89 15.65
N PHE C 134 -4.24 23.67 16.74
CA PHE C 134 -5.00 22.44 16.87
C PHE C 134 -5.89 22.22 15.66
N LEU C 135 -5.60 21.16 14.92
CA LEU C 135 -6.36 20.84 13.73
C LEU C 135 -7.42 19.78 14.01
N PRO C 136 -8.65 20.01 13.55
CA PRO C 136 -9.65 18.98 13.83
C PRO C 136 -9.61 17.78 12.89
N ARG C 137 -10.09 16.65 13.40
CA ARG C 137 -10.16 15.43 12.64
C ARG C 137 -11.62 15.09 12.39
N ASP C 138 -11.85 14.21 11.42
CA ASP C 138 -13.20 13.80 11.08
C ASP C 138 -13.76 12.97 12.23
N ASP C 139 -12.85 12.38 13.00
CA ASP C 139 -13.20 11.56 14.15
C ASP C 139 -13.36 12.46 15.39
N HIS C 140 -13.71 13.70 15.14
CA HIS C 140 -13.92 14.71 16.17
C HIS C 140 -12.79 14.84 17.20
N LEU C 141 -11.58 14.49 16.79
CA LEU C 141 -10.41 14.60 17.66
C LEU C 141 -9.53 15.70 17.09
N PHE C 142 -8.24 15.69 17.43
CA PHE C 142 -7.33 16.70 16.94
C PHE C 142 -6.01 16.19 16.38
N ARG C 143 -5.48 16.97 15.44
CA ARG C 143 -4.25 16.68 14.75
C ARG C 143 -3.41 17.94 14.92
N LYS C 144 -2.10 17.80 14.90
CA LYS C 144 -1.24 18.96 15.06
C LYS C 144 0.12 18.59 14.49
N PHE C 145 0.75 19.55 13.81
CA PHE C 145 2.07 19.31 13.23
C PHE C 145 3.08 20.28 13.79
N HIS C 146 4.28 19.78 14.03
CA HIS C 146 5.36 20.60 14.53
C HIS C 146 6.54 20.45 13.59
N TYR C 147 7.28 21.53 13.39
CA TYR C 147 8.41 21.48 12.46
C TYR C 147 9.75 21.97 12.99
N LEU C 148 10.80 21.28 12.56
CA LEU C 148 12.17 21.56 12.96
C LEU C 148 13.17 21.51 11.82
N THR C 149 13.72 22.65 11.44
CA THR C 149 14.69 22.70 10.37
C THR C 149 16.01 22.15 10.91
N PHE C 150 16.73 21.40 10.09
CA PHE C 150 18.01 20.86 10.52
C PHE C 150 18.88 20.51 9.33
N LEU C 151 20.17 20.33 9.58
CA LEU C 151 21.12 19.96 8.54
C LEU C 151 21.49 18.54 8.94
N PRO C 152 21.09 17.54 8.12
CA PRO C 152 21.41 16.16 8.44
C PRO C 152 22.89 15.87 8.65
N SER C 153 23.18 15.26 9.78
CA SER C 153 24.56 14.89 10.13
C SER C 153 24.47 13.44 10.57
N THR C 154 25.59 12.72 10.49
CA THR C 154 25.56 11.34 10.91
C THR C 154 25.55 11.29 12.44
N ASP C 155 26.51 11.96 13.05
CA ASP C 155 26.60 11.96 14.51
C ASP C 155 25.34 12.44 15.24
N ASP C 156 24.71 13.50 14.76
CA ASP C 156 23.53 14.00 15.45
C ASP C 156 22.36 13.02 15.58
N PHE C 157 21.40 13.41 16.41
CA PHE C 157 20.18 12.63 16.67
C PHE C 157 19.13 13.53 17.31
N TYR C 158 17.88 13.35 16.89
CA TYR C 158 16.81 14.18 17.42
C TYR C 158 15.70 13.40 18.10
N ASP C 159 14.80 14.15 18.73
CA ASP C 159 13.66 13.60 19.43
C ASP C 159 12.54 14.63 19.48
N CYS C 160 11.32 14.15 19.66
CA CYS C 160 10.16 15.02 19.78
C CYS C 160 9.41 14.61 21.05
N GLU C 161 9.32 15.53 22.01
CA GLU C 161 8.64 15.24 23.27
C GLU C 161 7.21 15.78 23.31
N VAL C 162 6.25 14.88 23.56
CA VAL C 162 4.85 15.28 23.63
C VAL C 162 4.17 14.85 24.92
N ASP C 163 3.75 15.85 25.71
CA ASP C 163 3.07 15.63 27.00
C ASP C 163 1.59 16.05 26.89
N HIS C 164 0.70 15.07 27.07
CA HIS C 164 -0.74 15.31 26.99
C HIS C 164 -1.40 14.66 28.21
N TRP C 165 -2.49 15.25 28.69
CA TRP C 165 -3.16 14.69 29.85
C TRP C 165 -3.62 13.25 29.61
N GLY C 166 -3.40 12.73 28.41
CA GLY C 166 -3.80 11.37 28.10
C GLY C 166 -2.66 10.37 28.22
N LEU C 167 -1.51 10.85 28.67
CA LEU C 167 -0.32 10.01 28.84
C LEU C 167 0.17 10.07 30.28
N GLU C 168 0.55 8.90 30.81
CA GLU C 168 1.05 8.82 32.18
C GLU C 168 2.32 9.69 32.29
N GLU C 169 3.27 9.43 31.40
CA GLU C 169 4.54 10.19 31.34
C GLU C 169 4.68 10.71 29.91
N PRO C 170 5.26 11.91 29.72
CA PRO C 170 5.42 12.46 28.38
C PRO C 170 5.79 11.35 27.38
N LEU C 171 5.41 11.53 26.13
CA LEU C 171 5.71 10.56 25.08
C LEU C 171 6.78 11.17 24.20
N ARG C 172 7.92 10.49 24.08
CA ARG C 172 9.03 10.97 23.27
C ARG C 172 9.40 10.03 22.13
N LYS C 173 9.08 10.41 20.90
CA LYS C 173 9.40 9.59 19.73
C LYS C 173 10.83 9.94 19.33
N HIS C 174 11.47 9.03 18.59
CA HIS C 174 12.86 9.24 18.22
C HIS C 174 13.18 9.19 16.74
N TRP C 175 14.14 10.01 16.34
CA TRP C 175 14.60 10.03 14.96
C TRP C 175 16.07 10.44 14.87
N GLU C 176 16.84 9.63 14.14
CA GLU C 176 18.25 9.90 13.93
C GLU C 176 18.67 9.35 12.57
N PHE C 177 19.68 9.97 11.95
CA PHE C 177 20.13 9.52 10.64
C PHE C 177 20.93 8.25 10.78
N ARG D 1 -10.29 22.28 36.70
CA ARG D 1 -9.18 21.37 36.27
C ARG D 1 -9.55 20.15 35.40
N PRO D 2 -10.82 19.88 35.25
CA PRO D 2 -11.35 18.76 34.39
C PRO D 2 -11.49 18.99 32.83
N ARG D 3 -11.40 20.22 32.29
CA ARG D 3 -11.48 20.48 30.82
C ARG D 3 -12.82 20.22 30.15
N PHE D 4 -13.67 21.25 29.89
CA PHE D 4 -14.97 21.11 29.23
C PHE D 4 -14.91 21.77 27.85
N LEU D 5 -14.93 20.92 26.81
CA LEU D 5 -14.79 21.40 25.43
C LEU D 5 -16.08 21.60 24.65
N TRP D 6 -16.02 22.45 23.62
CA TRP D 6 -17.18 22.72 22.76
C TRP D 6 -16.75 22.83 21.29
N GLN D 7 -16.90 21.75 20.53
CA GLN D 7 -16.53 21.77 19.12
C GLN D 7 -17.68 22.18 18.22
N LEU D 8 -17.34 22.95 17.19
CA LEU D 8 -18.34 23.42 16.24
C LEU D 8 -17.83 23.29 14.82
N LYS D 9 -18.67 22.77 13.93
CA LYS D 9 -18.27 22.60 12.55
C LYS D 9 -19.32 23.05 11.52
N PHE D 10 -18.89 23.91 10.61
CA PHE D 10 -19.74 24.40 9.54
C PHE D 10 -19.08 23.82 8.29
N GLU D 11 -19.59 22.71 7.82
CA GLU D 11 -18.99 22.08 6.67
C GLU D 11 -19.79 22.07 5.39
N CYS D 12 -19.09 22.22 4.28
CA CYS D 12 -19.70 22.22 2.96
C CYS D 12 -19.16 21.07 2.13
N HIS D 13 -20.06 20.28 1.54
CA HIS D 13 -19.66 19.13 0.74
C HIS D 13 -20.04 19.34 -0.73
N PHE D 14 -19.11 19.07 -1.63
CA PHE D 14 -19.36 19.28 -3.03
C PHE D 14 -19.14 18.05 -3.91
N PHE D 15 -20.12 17.76 -4.75
CA PHE D 15 -20.04 16.62 -5.65
C PHE D 15 -20.12 17.11 -7.09
N ASN D 16 -19.26 16.57 -7.95
CA ASN D 16 -19.25 16.96 -9.36
C ASN D 16 -19.05 18.48 -9.42
N GLY D 17 -18.01 18.97 -8.73
CA GLY D 17 -17.77 20.40 -8.69
C GLY D 17 -18.71 21.03 -7.67
N THR D 18 -19.73 21.74 -8.14
CA THR D 18 -20.71 22.36 -7.25
C THR D 18 -22.12 22.04 -7.72
N GLU D 19 -22.23 21.07 -8.62
CA GLU D 19 -23.52 20.64 -9.13
C GLU D 19 -24.41 20.26 -7.96
N ARG D 20 -23.87 19.46 -7.05
CA ARG D 20 -24.62 19.03 -5.88
C ARG D 20 -23.84 19.48 -4.66
N VAL D 21 -24.50 20.18 -3.74
CA VAL D 21 -23.83 20.67 -2.53
C VAL D 21 -24.66 20.33 -1.31
N ARG D 22 -24.01 20.25 -0.17
CA ARG D 22 -24.70 19.89 1.05
C ARG D 22 -24.09 20.61 2.27
N LEU D 23 -24.80 21.59 2.84
CA LEU D 23 -24.31 22.29 4.03
C LEU D 23 -24.72 21.52 5.26
N LEU D 24 -23.79 21.38 6.18
CA LEU D 24 -24.03 20.69 7.43
C LEU D 24 -23.44 21.54 8.51
N GLU D 25 -24.28 22.01 9.42
CA GLU D 25 -23.81 22.81 10.53
C GLU D 25 -24.05 21.87 11.68
N ARG D 26 -23.00 21.55 12.43
CA ARG D 26 -23.16 20.63 13.54
C ARG D 26 -22.49 21.09 14.81
N CYS D 27 -23.27 21.08 15.90
CA CYS D 27 -22.75 21.49 17.19
C CYS D 27 -22.34 20.28 18.02
N ILE D 28 -21.05 20.22 18.34
CA ILE D 28 -20.50 19.12 19.08
C ILE D 28 -20.02 19.51 20.50
N TYR D 29 -20.53 18.79 21.52
CA TYR D 29 -20.19 19.04 22.93
C TYR D 29 -18.77 18.62 23.30
N ASN D 30 -18.59 17.38 23.76
CA ASN D 30 -17.25 16.91 24.07
C ASN D 30 -16.75 16.29 22.76
N GLN D 31 -16.95 15.00 22.55
CA GLN D 31 -16.58 14.37 21.29
C GLN D 31 -17.94 14.03 20.66
N GLU D 32 -18.96 14.29 21.46
CA GLU D 32 -20.35 14.04 21.11
C GLU D 32 -21.06 15.20 20.44
N GLU D 33 -21.56 14.94 19.23
CA GLU D 33 -22.30 15.91 18.44
C GLU D 33 -23.74 15.93 18.97
N SER D 34 -24.20 17.09 19.45
CA SER D 34 -25.54 17.19 19.98
C SER D 34 -26.60 17.56 18.95
N VAL D 35 -26.38 18.67 18.26
CA VAL D 35 -27.30 19.20 17.27
C VAL D 35 -26.72 19.26 15.86
N ARG D 36 -27.59 19.49 14.88
CA ARG D 36 -27.13 19.63 13.50
C ARG D 36 -28.25 20.05 12.55
N PHE D 37 -27.86 20.71 11.46
CA PHE D 37 -28.80 21.14 10.44
C PHE D 37 -28.31 20.59 9.11
N ASP D 38 -28.85 19.44 8.71
CA ASP D 38 -28.45 18.84 7.45
C ASP D 38 -29.20 19.47 6.31
N SER D 39 -28.46 20.00 5.34
CA SER D 39 -29.05 20.63 4.17
C SER D 39 -30.18 19.74 3.62
N ASP D 40 -29.88 18.46 3.44
CA ASP D 40 -30.85 17.49 2.90
C ASP D 40 -32.09 17.27 3.74
N VAL D 41 -31.96 17.38 5.06
CA VAL D 41 -33.11 17.20 5.93
C VAL D 41 -34.04 18.38 5.76
N GLY D 42 -33.48 19.58 5.91
CA GLY D 42 -34.27 20.79 5.76
C GLY D 42 -34.48 21.55 7.05
N GLU D 43 -34.32 20.87 8.18
CA GLU D 43 -34.50 21.48 9.49
C GLU D 43 -33.42 21.02 10.44
N TYR D 44 -33.55 21.38 11.71
CA TYR D 44 -32.60 20.98 12.73
C TYR D 44 -33.07 19.61 13.23
N ARG D 45 -32.13 18.82 13.74
CA ARG D 45 -32.45 17.50 14.26
C ARG D 45 -31.50 17.17 15.37
N ALA D 46 -32.05 16.85 16.54
CA ALA D 46 -31.20 16.50 17.66
C ALA D 46 -30.61 15.14 17.32
N VAL D 47 -29.38 14.91 17.78
CA VAL D 47 -28.70 13.66 17.53
C VAL D 47 -28.68 12.90 18.84
N THR D 48 -28.66 13.67 19.92
CA THR D 48 -28.64 13.07 21.24
C THR D 48 -29.63 13.84 22.08
N GLU D 49 -30.09 13.22 23.16
CA GLU D 49 -31.02 13.91 24.02
C GLU D 49 -30.51 15.30 24.34
N LEU D 50 -29.19 15.47 24.43
CA LEU D 50 -28.61 16.77 24.75
C LEU D 50 -28.96 17.90 23.80
N GLY D 51 -29.29 17.55 22.55
CA GLY D 51 -29.62 18.57 21.59
C GLY D 51 -31.10 18.88 21.45
N ARG D 52 -31.96 18.09 22.08
CA ARG D 52 -33.40 18.30 22.00
C ARG D 52 -33.78 19.78 22.13
N PRO D 53 -33.27 20.47 23.18
CA PRO D 53 -33.57 21.88 23.38
C PRO D 53 -33.15 22.75 22.21
N ASP D 54 -31.84 22.84 21.96
CA ASP D 54 -31.36 23.65 20.86
C ASP D 54 -32.05 23.27 19.55
N ALA D 55 -32.54 22.04 19.49
CA ALA D 55 -33.23 21.57 18.30
C ALA D 55 -34.56 22.31 18.16
N GLU D 56 -35.46 22.02 19.08
CA GLU D 56 -36.79 22.63 19.09
C GLU D 56 -36.75 24.17 19.19
N TYR D 57 -35.80 24.68 19.96
CA TYR D 57 -35.68 26.13 20.12
C TYR D 57 -35.37 26.81 18.80
N TRP D 58 -34.28 26.39 18.16
CA TRP D 58 -33.88 26.98 16.89
C TRP D 58 -34.94 26.83 15.83
N ASN D 59 -35.43 25.60 15.63
CA ASN D 59 -36.45 25.35 14.63
C ASN D 59 -37.54 26.43 14.63
N SER D 60 -37.71 27.12 15.76
CA SER D 60 -38.74 28.16 15.88
C SER D 60 -38.39 29.52 15.26
N GLN D 61 -37.12 29.91 15.32
CA GLN D 61 -36.73 31.19 14.73
C GLN D 61 -36.80 31.00 13.21
N LYS D 62 -37.75 31.66 12.54
CA LYS D 62 -37.90 31.51 11.09
C LYS D 62 -36.78 32.10 10.24
N ASP D 63 -36.48 33.38 10.45
CA ASP D 63 -35.43 34.01 9.65
C ASP D 63 -34.14 33.22 9.83
N LEU D 64 -34.08 32.47 10.93
CA LEU D 64 -32.93 31.64 11.25
C LEU D 64 -32.81 30.47 10.29
N LEU D 65 -33.89 29.73 10.11
CA LEU D 65 -33.89 28.59 9.21
C LEU D 65 -33.63 29.02 7.77
N GLU D 66 -33.99 30.26 7.45
CA GLU D 66 -33.78 30.72 6.10
C GLU D 66 -32.28 30.78 5.81
N GLN D 67 -31.55 31.47 6.66
CA GLN D 67 -30.10 31.61 6.51
C GLN D 67 -29.49 30.23 6.24
N ARG D 68 -30.10 29.21 6.83
CA ARG D 68 -29.64 27.84 6.70
C ARG D 68 -30.01 27.18 5.39
N ARG D 69 -31.30 27.18 5.07
CA ARG D 69 -31.74 26.58 3.84
C ARG D 69 -31.06 27.28 2.67
N ALA D 70 -30.51 28.46 2.93
CA ALA D 70 -29.83 29.24 1.89
C ALA D 70 -28.33 29.06 1.98
N ALA D 71 -27.86 28.73 3.18
CA ALA D 71 -26.45 28.54 3.41
C ALA D 71 -25.80 27.70 2.32
N VAL D 72 -26.46 26.62 1.90
CA VAL D 72 -25.88 25.78 0.86
C VAL D 72 -25.49 26.64 -0.33
N ASP D 73 -26.14 27.78 -0.46
CA ASP D 73 -25.83 28.71 -1.54
C ASP D 73 -24.95 29.86 -1.07
N THR D 74 -25.55 30.81 -0.36
CA THR D 74 -24.80 31.99 0.11
C THR D 74 -23.54 31.67 0.91
N TYR D 75 -23.29 30.39 1.18
CA TYR D 75 -22.12 30.00 1.93
C TYR D 75 -21.30 28.96 1.18
N CYS D 76 -21.80 27.74 1.19
CA CYS D 76 -21.12 26.64 0.53
C CYS D 76 -20.55 26.95 -0.84
N ARG D 77 -21.35 27.56 -1.69
CA ARG D 77 -20.85 27.86 -3.02
C ARG D 77 -20.11 29.17 -3.04
N HIS D 78 -20.58 30.13 -2.26
CA HIS D 78 -19.90 31.40 -2.26
C HIS D 78 -18.41 31.21 -1.97
N ASN D 79 -18.09 30.25 -1.11
CA ASN D 79 -16.70 30.01 -0.75
C ASN D 79 -15.93 29.11 -1.70
N TYR D 80 -16.62 28.14 -2.28
CA TYR D 80 -15.95 27.26 -3.22
C TYR D 80 -15.38 28.20 -4.27
N GLY D 81 -16.26 29.02 -4.82
CA GLY D 81 -15.89 29.97 -5.86
C GLY D 81 -14.73 30.85 -5.47
N VAL D 82 -14.67 31.28 -4.23
CA VAL D 82 -13.58 32.13 -3.77
C VAL D 82 -12.22 31.44 -3.70
N GLY D 83 -12.17 30.27 -3.09
CA GLY D 83 -10.89 29.58 -2.95
C GLY D 83 -10.53 28.61 -4.07
N GLU D 84 -11.51 28.33 -4.91
CA GLU D 84 -11.32 27.40 -6.03
C GLU D 84 -9.95 27.49 -6.67
N SER D 85 -9.54 28.72 -7.01
CA SER D 85 -8.27 28.99 -7.68
C SER D 85 -7.01 28.42 -7.04
N PHE D 86 -6.93 28.44 -5.72
CA PHE D 86 -5.75 27.94 -5.06
C PHE D 86 -5.95 26.73 -4.17
N THR D 87 -7.14 26.16 -4.18
CA THR D 87 -7.37 24.96 -3.38
C THR D 87 -7.52 23.79 -4.33
N VAL D 88 -8.67 23.74 -5.01
CA VAL D 88 -8.97 22.67 -5.95
C VAL D 88 -7.94 22.55 -7.08
N GLN D 89 -7.58 23.70 -7.66
CA GLN D 89 -6.63 23.73 -8.75
C GLN D 89 -5.17 23.71 -8.30
N ARG D 90 -4.96 23.47 -7.00
CA ARG D 90 -3.59 23.42 -6.48
C ARG D 90 -2.87 22.22 -7.06
N ARG D 91 -1.72 22.48 -7.66
CA ARG D 91 -0.92 21.42 -8.25
C ARG D 91 0.58 21.65 -8.04
N VAL D 92 1.22 20.67 -7.40
CA VAL D 92 2.65 20.72 -7.11
C VAL D 92 3.24 19.39 -7.57
N GLU D 93 4.28 19.46 -8.39
CA GLU D 93 4.94 18.26 -8.91
C GLU D 93 5.62 17.45 -7.81
N PRO D 94 5.62 16.12 -7.95
CA PRO D 94 6.23 15.19 -6.99
C PRO D 94 7.72 15.10 -7.23
N THR D 95 8.49 14.89 -6.17
CA THR D 95 9.93 14.74 -6.32
C THR D 95 10.22 13.29 -5.98
N VAL D 96 10.38 12.49 -7.02
CA VAL D 96 10.64 11.07 -6.86
C VAL D 96 12.11 10.83 -6.51
N THR D 97 12.38 9.72 -5.85
CA THR D 97 13.74 9.41 -5.44
C THR D 97 13.78 7.92 -5.14
N VAL D 98 14.80 7.22 -5.65
CA VAL D 98 14.92 5.78 -5.42
C VAL D 98 16.16 5.41 -4.63
N TYR D 99 15.98 4.62 -3.52
CA TYR D 99 17.17 4.23 -2.74
C TYR D 99 17.07 2.87 -1.97
N PRO D 100 18.30 2.38 -1.68
CA PRO D 100 18.54 1.21 -0.86
C PRO D 100 18.11 1.41 0.59
N THR D 101 18.46 0.37 1.37
CA THR D 101 18.19 0.21 2.81
C THR D 101 19.38 -0.29 3.53
N LYS D 102 19.80 -1.44 3.00
CA LYS D 102 20.85 -2.30 3.55
C LYS D 102 22.22 -2.29 2.87
N THR D 103 23.15 -3.01 3.52
CA THR D 103 24.54 -3.17 3.07
C THR D 103 24.56 -3.64 1.59
N GLN D 104 25.57 -3.19 0.84
CA GLN D 104 25.65 -3.46 -0.60
C GLN D 104 26.35 -4.61 -1.34
N PRO D 105 26.10 -5.82 -0.83
CA PRO D 105 26.88 -7.02 -1.46
C PRO D 105 26.11 -7.88 -2.46
N LEU D 106 26.72 -8.90 -3.05
CA LEU D 106 25.76 -9.55 -3.86
C LEU D 106 25.36 -10.98 -3.55
N GLN D 107 24.02 -10.89 -3.72
CA GLN D 107 22.74 -11.66 -3.69
C GLN D 107 22.39 -12.24 -2.36
N HIS D 108 22.06 -11.16 -1.63
CA HIS D 108 21.48 -10.96 -0.32
C HIS D 108 20.45 -9.89 -0.64
N HIS D 109 19.23 -10.15 -0.22
CA HIS D 109 18.07 -9.32 -0.47
C HIS D 109 18.25 -7.99 0.26
N ASN D 110 17.57 -6.95 -0.23
CA ASN D 110 17.58 -5.64 0.40
C ASN D 110 16.41 -4.83 -0.14
N LEU D 111 15.77 -4.09 0.75
CA LEU D 111 14.59 -3.32 0.37
C LEU D 111 14.84 -2.06 -0.46
N LEU D 112 14.19 -1.97 -1.60
CA LEU D 112 14.32 -0.79 -2.43
C LEU D 112 13.18 0.12 -2.05
N VAL D 113 13.46 1.43 -2.03
CA VAL D 113 12.45 2.41 -1.65
C VAL D 113 12.23 3.47 -2.71
N CYS D 114 10.97 3.71 -3.04
CA CYS D 114 10.67 4.76 -3.98
C CYS D 114 10.00 5.87 -3.20
N SER D 115 10.82 6.73 -2.62
CA SER D 115 10.33 7.86 -1.86
C SER D 115 9.68 8.84 -2.82
N VAL D 116 8.39 9.10 -2.61
CA VAL D 116 7.66 10.05 -3.46
C VAL D 116 7.21 11.18 -2.56
N SER D 117 7.93 12.29 -2.59
CA SER D 117 7.62 13.42 -1.73
C SER D 117 7.25 14.75 -2.40
N ASP D 118 6.85 15.69 -1.56
CA ASP D 118 6.47 17.02 -1.98
C ASP D 118 5.52 17.00 -3.17
N PHE D 119 4.22 16.93 -2.90
CA PHE D 119 3.24 16.97 -3.97
C PHE D 119 1.82 17.15 -3.46
N TYR D 120 0.98 17.65 -4.36
CA TYR D 120 -0.41 17.92 -4.10
C TYR D 120 -1.05 17.95 -5.49
N PRO D 121 -2.24 17.35 -5.65
CA PRO D 121 -3.05 16.65 -4.65
C PRO D 121 -2.54 15.27 -4.24
N GLY D 122 -3.25 14.70 -3.28
CA GLY D 122 -2.90 13.40 -2.72
C GLY D 122 -3.03 12.17 -3.60
N ASN D 123 -4.01 12.13 -4.51
CA ASN D 123 -4.16 10.95 -5.38
C ASN D 123 -2.98 10.76 -6.30
N ILE D 124 -2.35 9.60 -6.21
CA ILE D 124 -1.19 9.33 -7.03
C ILE D 124 -1.01 7.83 -7.26
N GLU D 125 -0.29 7.47 -8.32
CA GLU D 125 -0.06 6.07 -8.63
C GLU D 125 1.45 5.81 -8.71
N VAL D 126 1.92 4.79 -7.98
CA VAL D 126 3.33 4.44 -7.97
C VAL D 126 3.55 2.97 -8.30
N ARG D 127 4.20 2.72 -9.42
CA ARG D 127 4.48 1.36 -9.87
C ARG D 127 5.98 1.14 -9.99
N TRP D 128 6.44 -0.02 -9.52
CA TRP D 128 7.85 -0.40 -9.58
C TRP D 128 8.17 -1.20 -10.83
N PHE D 129 9.44 -1.16 -11.24
CA PHE D 129 9.90 -1.87 -12.43
C PHE D 129 11.30 -2.46 -12.28
N ARG D 130 11.49 -3.61 -12.91
CA ARG D 130 12.75 -4.34 -12.90
C ARG D 130 13.11 -4.61 -14.35
N ASN D 131 14.16 -3.96 -14.83
CA ASN D 131 14.57 -4.13 -16.21
C ASN D 131 13.36 -4.06 -17.13
N GLY D 132 12.62 -2.95 -17.05
CA GLY D 132 11.47 -2.75 -17.90
C GLY D 132 10.22 -3.57 -17.63
N LYS D 133 10.33 -4.62 -16.83
CA LYS D 133 9.15 -5.43 -16.54
C LYS D 133 8.52 -4.96 -15.22
N GLU D 134 7.20 -4.81 -15.21
CA GLU D 134 6.52 -4.38 -14.00
C GLU D 134 6.56 -5.43 -12.90
N GLU D 135 6.95 -4.99 -11.71
CA GLU D 135 7.03 -5.86 -10.54
C GLU D 135 5.65 -5.79 -9.87
N GLU D 136 4.79 -6.75 -10.19
CA GLU D 136 3.44 -6.81 -9.65
C GLU D 136 3.44 -7.38 -8.23
N THR D 137 3.79 -8.65 -8.15
CA THR D 137 3.86 -9.42 -6.91
C THR D 137 4.51 -8.69 -5.74
N GLY D 138 3.80 -8.66 -4.61
CA GLY D 138 4.26 -8.06 -3.36
C GLY D 138 4.95 -6.71 -3.24
N ILE D 139 4.16 -5.65 -3.02
CA ILE D 139 4.70 -4.31 -2.87
C ILE D 139 4.08 -3.56 -1.70
N VAL D 140 4.90 -3.30 -0.70
CA VAL D 140 4.48 -2.62 0.50
C VAL D 140 4.40 -1.11 0.31
N SER D 141 3.35 -0.52 0.88
CA SER D 141 3.14 0.92 0.80
C SER D 141 2.75 1.49 2.16
N THR D 142 3.48 2.51 2.59
CA THR D 142 3.22 3.16 3.87
C THR D 142 1.91 3.94 3.83
N GLY D 143 1.35 4.10 2.62
CA GLY D 143 0.11 4.84 2.48
C GLY D 143 0.41 6.30 2.22
N LEU D 144 -0.61 7.14 2.25
CA LEU D 144 -0.40 8.58 2.01
C LEU D 144 -0.09 9.29 3.32
N VAL D 145 0.68 10.37 3.23
CA VAL D 145 1.06 11.13 4.42
C VAL D 145 0.85 12.62 4.23
N ARG D 146 0.04 13.21 5.10
CA ARG D 146 -0.22 14.64 5.02
C ARG D 146 0.80 15.38 5.87
N ASN D 147 1.60 16.23 5.22
CA ASN D 147 2.65 16.98 5.90
C ASN D 147 2.20 18.19 6.73
N GLY D 148 0.97 18.62 6.55
CA GLY D 148 0.49 19.76 7.30
C GLY D 148 0.52 21.08 6.55
N ASP D 149 1.31 21.13 5.48
CA ASP D 149 1.47 22.34 4.67
C ASP D 149 1.05 22.16 3.21
N TRP D 150 -0.12 21.59 2.98
CA TRP D 150 -0.65 21.37 1.64
C TRP D 150 0.33 20.65 0.74
N THR D 151 1.00 19.65 1.30
CA THR D 151 1.98 18.86 0.58
C THR D 151 1.84 17.42 1.11
N PHE D 152 1.98 16.41 0.24
CA PHE D 152 1.89 15.02 0.68
C PHE D 152 3.23 14.32 0.53
N GLN D 153 3.24 13.01 0.73
CA GLN D 153 4.45 12.19 0.59
C GLN D 153 4.10 10.75 0.91
N THR D 154 4.64 9.83 0.12
CA THR D 154 4.40 8.40 0.34
C THR D 154 5.64 7.59 0.06
N LEU D 155 5.74 6.42 0.66
CA LEU D 155 6.88 5.56 0.41
C LEU D 155 6.38 4.23 -0.10
N VAL D 156 6.87 3.85 -1.28
CA VAL D 156 6.47 2.59 -1.89
C VAL D 156 7.69 1.69 -1.91
N MET D 157 7.73 0.74 -0.99
CA MET D 157 8.86 -0.17 -0.87
C MET D 157 8.75 -1.45 -1.71
N LEU D 158 9.87 -1.87 -2.28
CA LEU D 158 9.96 -3.07 -3.12
C LEU D 158 11.12 -3.94 -2.67
N GLU D 159 11.00 -5.26 -2.83
CA GLU D 159 12.07 -6.15 -2.39
C GLU D 159 12.63 -7.09 -3.45
N THR D 160 13.96 -7.16 -3.52
CA THR D 160 14.62 -8.05 -4.46
C THR D 160 16.01 -8.45 -4.02
N VAL D 161 16.66 -9.14 -4.95
CA VAL D 161 18.04 -9.59 -4.82
C VAL D 161 18.67 -8.77 -5.93
N PRO D 162 19.09 -7.55 -5.62
CA PRO D 162 19.71 -6.71 -6.65
C PRO D 162 20.86 -7.40 -7.37
N GLN D 163 20.53 -8.02 -8.49
CA GLN D 163 21.51 -8.72 -9.30
C GLN D 163 22.13 -7.69 -10.24
N SER D 164 23.43 -7.84 -10.46
CA SER D 164 24.19 -6.96 -11.34
C SER D 164 23.56 -6.80 -12.71
N GLY D 165 23.54 -5.55 -13.20
CA GLY D 165 22.95 -5.26 -14.50
C GLY D 165 21.51 -4.82 -14.36
N GLU D 166 20.91 -5.23 -13.25
CA GLU D 166 19.54 -4.89 -12.95
C GLU D 166 19.35 -3.38 -12.97
N VAL D 167 18.19 -2.93 -13.47
CA VAL D 167 17.84 -1.51 -13.51
C VAL D 167 16.39 -1.42 -13.04
N TYR D 168 16.22 -0.99 -11.79
CA TYR D 168 14.90 -0.84 -11.19
C TYR D 168 14.39 0.57 -11.41
N THR D 169 13.20 0.69 -11.96
CA THR D 169 12.66 2.00 -12.23
C THR D 169 11.34 2.22 -11.50
N CYS D 170 11.15 3.43 -10.98
CA CYS D 170 9.92 3.80 -10.30
C CYS D 170 9.14 4.71 -11.25
N GLN D 171 7.88 4.39 -11.51
CA GLN D 171 7.05 5.20 -12.42
C GLN D 171 5.85 5.87 -11.72
N VAL D 172 6.00 7.15 -11.41
CA VAL D 172 4.95 7.92 -10.74
C VAL D 172 4.09 8.67 -11.75
N GLU D 173 2.78 8.69 -11.50
CA GLU D 173 1.81 9.38 -12.34
C GLU D 173 1.00 10.25 -11.39
N HIS D 174 0.83 11.51 -11.76
CA HIS D 174 0.13 12.48 -10.93
C HIS D 174 -0.45 13.55 -11.83
N PRO D 175 -1.59 14.15 -11.42
CA PRO D 175 -2.31 15.21 -12.14
C PRO D 175 -1.48 16.41 -12.58
N SER D 176 -0.46 16.76 -11.80
CA SER D 176 0.37 17.91 -12.17
C SER D 176 1.47 17.48 -13.12
N LEU D 177 1.27 16.33 -13.76
CA LEU D 177 2.24 15.80 -14.71
C LEU D 177 1.59 15.41 -16.02
N THR D 178 2.12 15.92 -17.13
CA THR D 178 1.59 15.60 -18.44
C THR D 178 2.08 14.20 -18.81
N ASP D 179 3.33 13.93 -18.49
CA ASP D 179 3.95 12.65 -18.75
C ASP D 179 4.58 12.16 -17.46
N PRO D 180 4.40 10.87 -17.13
CA PRO D 180 4.94 10.25 -15.92
C PRO D 180 6.44 10.37 -15.64
N VAL D 181 6.76 10.69 -14.39
CA VAL D 181 8.13 10.83 -13.94
C VAL D 181 8.69 9.42 -13.69
N THR D 182 9.94 9.20 -14.05
CA THR D 182 10.55 7.89 -13.84
C THR D 182 11.98 8.06 -13.34
N VAL D 183 12.31 7.32 -12.29
CA VAL D 183 13.64 7.36 -11.70
C VAL D 183 14.26 5.96 -11.77
N GLU D 184 15.55 5.89 -12.05
CA GLU D 184 16.24 4.61 -12.15
C GLU D 184 17.28 4.45 -11.05
N TRP D 185 17.64 3.21 -10.77
CA TRP D 185 18.65 2.92 -9.76
C TRP D 185 19.51 1.71 -10.14
N LYS D 186 20.81 1.82 -9.88
CA LYS D 186 21.78 0.77 -10.16
C LYS D 186 22.00 0.65 -11.68
N ALA E 1 -6.65 -32.37 -25.34
CA ALA E 1 -6.76 -31.57 -26.60
C ALA E 1 -6.06 -30.20 -26.49
N GLY E 2 -4.72 -30.19 -26.38
CA GLY E 2 -4.02 -28.91 -26.27
C GLY E 2 -2.53 -28.62 -26.50
N PHE E 3 -1.94 -27.96 -25.51
CA PHE E 3 -0.54 -27.47 -25.43
C PHE E 3 0.68 -28.04 -26.15
N LYS E 4 1.38 -27.16 -26.87
CA LYS E 4 2.60 -27.51 -27.60
C LYS E 4 3.81 -27.08 -26.80
N GLY E 5 4.93 -27.77 -27.01
CA GLY E 5 6.17 -27.42 -26.34
C GLY E 5 7.06 -26.79 -27.40
N GLU E 6 7.79 -25.74 -27.06
CA GLU E 6 8.66 -25.15 -28.06
C GLU E 6 10.01 -25.82 -28.03
N GLN E 7 10.27 -26.68 -29.00
CA GLN E 7 11.55 -27.39 -29.08
C GLN E 7 12.71 -26.41 -28.97
N GLY E 8 13.91 -26.95 -28.77
CA GLY E 8 15.08 -26.08 -28.65
C GLY E 8 16.29 -26.56 -29.42
N PRO E 9 17.15 -25.64 -29.89
CA PRO E 9 18.35 -26.03 -30.63
C PRO E 9 19.40 -26.60 -29.69
N LYS E 10 20.47 -27.17 -30.26
CA LYS E 10 21.56 -27.74 -29.45
C LYS E 10 22.78 -26.83 -29.50
N GLY E 11 23.47 -26.72 -28.37
CA GLY E 11 24.64 -25.87 -28.29
C GLY E 11 25.82 -26.28 -29.14
N GLU E 12 26.64 -25.30 -29.50
CA GLU E 12 27.84 -25.52 -30.30
C GLU E 12 28.84 -26.26 -29.40
N PRO E 13 29.29 -27.46 -29.82
CA PRO E 13 30.24 -28.09 -28.91
C PRO E 13 31.41 -27.15 -28.64
N GLY E 14 32.08 -27.31 -27.51
CA GLY E 14 33.20 -26.44 -27.19
C GLY E 14 34.37 -27.12 -26.50
N ALA F 1 -10.27 39.64 -1.99
CA ALA F 1 -11.71 39.51 -2.22
C ALA F 1 -12.24 38.16 -1.68
N GLY F 2 -13.57 38.19 -1.30
CA GLY F 2 -14.42 37.22 -0.68
C GLY F 2 -13.71 36.40 0.40
N PHE F 3 -14.59 35.58 0.90
CA PHE F 3 -14.80 34.45 1.83
C PHE F 3 -14.91 34.56 3.34
N LYS F 4 -16.29 34.57 3.30
CA LYS F 4 -17.52 34.65 4.11
C LYS F 4 -17.71 33.54 5.14
N GLY F 5 -17.76 33.92 6.38
CA GLY F 5 -17.90 33.01 7.49
C GLY F 5 -19.36 32.85 7.83
N GLU F 6 -19.74 31.64 8.26
CA GLU F 6 -21.09 31.33 8.67
C GLU F 6 -21.22 31.60 10.16
N GLN F 7 -22.18 32.43 10.56
CA GLN F 7 -22.36 32.76 11.96
C GLN F 7 -23.44 31.85 12.55
N GLY F 8 -23.44 31.66 13.88
CA GLY F 8 -24.40 30.79 14.53
C GLY F 8 -25.26 31.41 15.63
N PRO F 9 -26.44 30.82 15.90
CA PRO F 9 -27.40 31.28 16.92
C PRO F 9 -27.09 30.89 18.37
N LYS F 10 -27.53 31.73 19.30
CA LYS F 10 -27.36 31.45 20.73
C LYS F 10 -28.34 30.32 21.00
N GLY F 11 -28.00 29.39 21.87
CA GLY F 11 -28.89 28.26 22.15
C GLY F 11 -29.94 28.42 23.25
N GLU F 12 -30.68 27.34 23.50
CA GLU F 12 -31.71 27.33 24.54
C GLU F 12 -31.12 27.44 25.93
N PRO F 13 -31.35 28.57 26.61
CA PRO F 13 -30.84 28.81 27.95
C PRO F 13 -30.99 27.64 28.93
N GLY F 14 -30.13 27.64 29.95
CA GLY F 14 -30.15 26.59 30.95
C GLY F 14 -31.19 26.87 32.02
#